data_2VCP
#
_entry.id   2VCP
#
_cell.length_a   136.240
_cell.length_b   136.240
_cell.length_c   205.410
_cell.angle_alpha   90.00
_cell.angle_beta   90.00
_cell.angle_gamma   120.00
#
_symmetry.space_group_name_H-M   'P 61'
#
loop_
_entity.id
_entity.type
_entity.pdbx_description
1 polymer 'ACTIN, ALPHA SKELETAL MUSCLE'
2 polymer 'NEURAL WISKOTT-ALDRICH SYNDROME PROTEIN'
3 non-polymer "ADENOSINE-5'-TRIPHOSPHATE"
4 non-polymer 'CALCIUM ION'
#
loop_
_entity_poly.entity_id
_entity_poly.type
_entity_poly.pdbx_seq_one_letter_code
_entity_poly.pdbx_strand_id
1 'polypeptide(L)'
;DEDETTALVCDNGSGLVKAGFAGDDAPRAVFPSIVGRPRHQGVMVGMGQKDSYVGDEAQSKRGILTLKYPIE(HIC)GII
TNWDDMEKIWHHTFYNELRVAPEEHPTLLTEAPLNPKANREKMTQIMFETFNVPAMYVAIQAVLSLYASGRTTGIVLDSG
DGVTHNVPIYEGYALPHAIMRLDLAGRDLTDYLMKILTERGYSFVTTAEREIVRDIKEKLCYVALDFENEMATAASSSSL
EKSYELPDGQVITIGNERFRCPETLFQPSFIGMESAGIHETTYNSIMKCDIDIRKDLYANNVMSGGTTMYPGIADRMQKE
ITALAPSTMKIKIIAPPERKYSVWIGGSILASLSTFQQMWITKQEYDEAGPSIVHRKCF
;
A,B
2 'polypeptide(L)'
;PSDGDHQVPTTAGNKAALLDQIREGAQLKKVEQNSRPVSCSGRDALLDQIRQGIQLKSVADGQESTPPTPAPTSGIVGAL
MEVMQKRSKAIHS
;
D,E
#
loop_
_chem_comp.id
_chem_comp.type
_chem_comp.name
_chem_comp.formula
ATP non-polymer ADENOSINE-5'-TRIPHOSPHATE 'C10 H16 N5 O13 P3'
CA non-polymer 'CALCIUM ION' 'Ca 2'
#
# COMPACT_ATOMS: atom_id res chain seq x y z
N THR A 5 26.03 10.56 8.61
CA THR A 5 25.49 11.01 9.93
C THR A 5 24.74 12.35 9.87
N THR A 6 24.31 12.76 8.67
CA THR A 6 23.58 14.04 8.47
C THR A 6 22.06 13.99 8.69
N ALA A 7 21.46 15.19 8.78
CA ALA A 7 20.03 15.34 9.02
C ALA A 7 19.21 15.73 7.80
N LEU A 8 17.91 15.49 7.90
CA LEU A 8 16.95 15.77 6.84
C LEU A 8 16.02 16.95 7.12
N VAL A 9 15.77 17.74 6.08
CA VAL A 9 14.86 18.88 6.21
C VAL A 9 13.76 18.79 5.16
N CYS A 10 12.53 18.63 5.63
CA CYS A 10 11.41 18.55 4.71
C CYS A 10 10.44 19.73 4.95
N ASP A 11 10.18 20.53 3.91
CA ASP A 11 9.29 21.69 4.01
C ASP A 11 7.96 21.50 3.29
N ASN A 12 6.93 21.20 4.06
CA ASN A 12 5.58 20.98 3.53
C ASN A 12 4.89 22.23 2.98
N GLY A 13 4.53 22.15 1.70
CA GLY A 13 3.82 23.24 1.09
C GLY A 13 2.51 22.61 0.67
N SER A 14 1.44 23.39 0.66
CA SER A 14 0.15 22.85 0.24
C SER A 14 0.17 22.77 -1.28
N GLY A 15 1.35 23.02 -1.85
CA GLY A 15 1.55 22.95 -3.27
C GLY A 15 2.82 22.21 -3.64
N LEU A 16 3.86 22.37 -2.82
CA LEU A 16 5.15 21.74 -3.10
C LEU A 16 5.94 21.23 -1.91
N VAL A 17 6.42 20.01 -2.01
CA VAL A 17 7.25 19.52 -0.94
C VAL A 17 8.68 19.94 -1.34
N LYS A 18 9.41 20.58 -0.43
CA LYS A 18 10.80 20.98 -0.69
C LYS A 18 11.68 20.29 0.33
N ALA A 19 12.42 19.28 -0.11
CA ALA A 19 13.27 18.53 0.81
C ALA A 19 14.70 18.45 0.39
N GLY A 20 15.56 18.27 1.39
CA GLY A 20 16.99 18.17 1.16
C GLY A 20 17.66 17.79 2.45
N PHE A 21 18.99 17.88 2.45
CA PHE A 21 19.79 17.54 3.62
C PHE A 21 20.24 18.81 4.33
N ALA A 22 20.30 18.77 5.65
CA ALA A 22 20.73 19.94 6.42
C ALA A 22 22.15 20.26 6.03
N GLY A 23 22.51 21.53 6.09
CA GLY A 23 23.87 21.93 5.73
C GLY A 23 24.10 22.34 4.27
N ASP A 24 23.12 22.11 3.41
CA ASP A 24 23.23 22.45 1.98
C ASP A 24 22.37 23.68 1.66
N ASP A 25 22.80 24.47 0.67
CA ASP A 25 22.10 25.70 0.32
C ASP A 25 20.79 25.65 -0.50
N ALA A 26 20.24 24.46 -0.76
CA ALA A 26 18.98 24.36 -1.52
C ALA A 26 18.37 22.95 -1.55
N PRO A 27 17.03 22.86 -1.51
CA PRO A 27 16.45 21.51 -1.55
C PRO A 27 16.84 20.70 -2.78
N ARG A 28 17.31 19.47 -2.56
CA ARG A 28 17.71 18.58 -3.65
C ARG A 28 16.51 18.16 -4.48
N ALA A 29 15.35 18.08 -3.84
CA ALA A 29 14.13 17.71 -4.53
C ALA A 29 12.99 18.66 -4.16
N VAL A 30 12.09 18.87 -5.10
CA VAL A 30 10.95 19.73 -4.91
C VAL A 30 9.94 19.14 -5.86
N PHE A 31 8.74 18.90 -5.37
CA PHE A 31 7.70 18.29 -6.19
C PHE A 31 6.30 18.64 -5.71
N PRO A 32 5.26 18.26 -6.47
CA PRO A 32 3.84 18.50 -6.19
C PRO A 32 3.28 17.75 -4.99
N SER A 33 2.76 18.51 -4.03
CA SER A 33 2.20 17.90 -2.85
C SER A 33 0.85 17.22 -3.14
N ILE A 34 0.86 16.28 -4.10
CA ILE A 34 -0.37 15.57 -4.48
C ILE A 34 -0.32 14.09 -4.31
N VAL A 35 -1.50 13.46 -4.33
CA VAL A 35 -1.63 12.02 -4.20
C VAL A 35 -2.68 11.47 -5.16
N GLY A 36 -2.21 10.83 -6.23
CA GLY A 36 -3.11 10.30 -7.23
C GLY A 36 -3.45 8.84 -7.07
N ARG A 37 -4.75 8.55 -7.01
CA ARG A 37 -5.25 7.20 -6.87
C ARG A 37 -6.20 6.91 -8.05
N PRO A 38 -6.19 5.66 -8.57
CA PRO A 38 -7.03 5.24 -9.70
C PRO A 38 -8.50 5.62 -9.53
N ARG A 39 -9.11 6.18 -10.58
CA ARG A 39 -10.50 6.59 -10.48
C ARG A 39 -11.46 5.43 -10.25
N HIS A 40 -11.02 4.23 -10.58
CA HIS A 40 -11.81 3.00 -10.40
C HIS A 40 -10.93 1.76 -10.50
N GLN A 41 -11.51 0.58 -10.35
CA GLN A 41 -10.71 -0.63 -10.39
C GLN A 41 -9.97 -0.85 -11.72
N GLY A 42 -10.67 -0.76 -12.84
CA GLY A 42 -10.05 -0.96 -14.16
C GLY A 42 -8.68 -0.36 -14.36
N VAL A 43 -8.32 0.57 -13.50
CA VAL A 43 -7.05 1.26 -13.56
C VAL A 43 -6.00 0.59 -12.69
N MET A 44 -6.45 -0.25 -11.76
CA MET A 44 -5.59 -0.98 -10.84
C MET A 44 -5.00 -2.27 -11.42
N VAL A 45 -5.70 -2.86 -12.39
CA VAL A 45 -5.28 -4.12 -13.00
C VAL A 45 -3.79 -4.17 -13.31
N GLY A 46 -3.36 -3.38 -14.28
CA GLY A 46 -1.96 -3.39 -14.63
C GLY A 46 -1.06 -2.71 -13.62
N MET A 47 -1.64 -2.00 -12.64
CA MET A 47 -0.85 -1.30 -11.62
C MET A 47 0.45 -2.03 -11.29
N GLY A 48 0.38 -3.36 -11.25
CA GLY A 48 1.55 -4.16 -10.96
C GLY A 48 1.76 -4.17 -9.46
N GLN A 49 0.64 -4.12 -8.74
CA GLN A 49 0.53 -4.15 -7.27
C GLN A 49 0.69 -2.83 -6.45
N LYS A 50 1.22 -1.75 -7.04
CA LYS A 50 1.38 -0.49 -6.30
C LYS A 50 0.04 0.23 -6.11
N ASP A 51 -0.12 0.85 -4.94
CA ASP A 51 -1.36 1.56 -4.57
C ASP A 51 -1.60 2.94 -5.22
N SER A 52 -0.77 3.91 -4.85
CA SER A 52 -0.92 5.27 -5.37
C SER A 52 0.27 5.70 -6.20
N TYR A 53 0.35 7.01 -6.42
CA TYR A 53 1.40 7.65 -7.20
C TYR A 53 1.64 8.98 -6.52
N VAL A 54 2.83 9.55 -6.61
CA VAL A 54 3.05 10.85 -5.97
C VAL A 54 3.96 11.87 -6.68
N GLY A 55 3.64 13.15 -6.50
CA GLY A 55 4.41 14.21 -7.11
C GLY A 55 4.32 14.22 -8.63
N ASP A 56 5.43 14.48 -9.29
CA ASP A 56 5.47 14.52 -10.76
C ASP A 56 4.93 13.24 -11.38
N GLU A 57 5.19 12.11 -10.70
CA GLU A 57 4.75 10.79 -11.18
C GLU A 57 3.25 10.71 -11.15
N ALA A 58 2.64 11.55 -10.32
CA ALA A 58 1.19 11.58 -10.20
C ALA A 58 0.61 12.60 -11.16
N GLN A 59 1.48 13.38 -11.78
CA GLN A 59 1.04 14.38 -12.75
C GLN A 59 0.75 13.65 -14.07
N SER A 60 1.81 13.43 -14.84
CA SER A 60 1.70 12.77 -16.13
C SER A 60 0.71 11.61 -16.22
N LYS A 61 0.25 11.10 -15.07
CA LYS A 61 -0.62 9.91 -15.07
C LYS A 61 -1.98 10.38 -14.57
N ARG A 62 -2.30 11.64 -14.85
CA ARG A 62 -3.51 12.25 -14.36
C ARG A 62 -4.84 11.58 -14.63
N GLY A 63 -5.20 11.40 -15.91
CA GLY A 63 -6.47 10.80 -16.29
C GLY A 63 -6.90 9.56 -15.54
N ILE A 64 -5.95 8.66 -15.33
CA ILE A 64 -6.23 7.39 -14.66
C ILE A 64 -6.37 7.58 -13.16
N LEU A 65 -5.85 8.70 -12.66
CA LEU A 65 -5.86 8.98 -11.23
C LEU A 65 -6.88 9.98 -10.75
N THR A 66 -6.96 10.11 -9.44
CA THR A 66 -7.85 11.05 -8.78
C THR A 66 -6.87 11.78 -7.90
N LEU A 67 -6.50 13.02 -8.21
CA LEU A 67 -5.51 13.69 -7.35
C LEU A 67 -6.08 14.37 -6.10
N LYS A 68 -5.33 14.32 -5.01
CA LYS A 68 -5.77 14.94 -3.79
C LYS A 68 -4.64 15.69 -3.14
N TYR A 69 -4.97 16.80 -2.50
CA TYR A 69 -3.97 17.59 -1.82
C TYR A 69 -4.10 17.36 -0.32
N PRO A 70 -3.09 16.71 0.29
CA PRO A 70 -3.05 16.40 1.72
C PRO A 70 -2.95 17.63 2.62
N ILE A 71 -2.63 18.76 2.01
CA ILE A 71 -2.49 19.98 2.76
C ILE A 71 -3.50 20.98 2.27
N GLU A 72 -4.25 21.56 3.19
CA GLU A 72 -5.26 22.53 2.81
C GLU A 72 -4.98 23.84 3.52
N HIC A 73 -4.73 24.90 2.75
CA HIC A 73 -4.47 26.22 3.33
C HIC A 73 -3.26 26.21 4.27
O HIC A 73 -3.12 27.10 5.11
CB HIC A 73 -5.69 26.71 4.14
CG HIC A 73 -6.96 26.76 3.35
ND1 HIC A 73 -8.19 26.54 3.92
CD2 HIC A 73 -7.20 27.06 2.05
CE1 HIC A 73 -9.13 26.70 3.02
NE2 HIC A 73 -8.56 27.01 1.86
CZ HIC A 73 -9.26 27.32 0.62
N GLY A 74 -2.40 25.21 4.14
CA GLY A 74 -1.24 25.15 5.01
C GLY A 74 -1.32 24.05 6.08
N ILE A 75 -2.52 23.83 6.61
CA ILE A 75 -2.73 22.81 7.64
C ILE A 75 -2.94 21.46 6.99
N ILE A 76 -2.29 20.43 7.51
CA ILE A 76 -2.46 19.10 6.95
C ILE A 76 -3.87 18.64 7.29
N THR A 77 -4.59 18.04 6.32
CA THR A 77 -5.96 17.57 6.57
C THR A 77 -6.19 16.11 6.20
N ASN A 78 -5.63 15.68 5.07
CA ASN A 78 -5.78 14.29 4.62
C ASN A 78 -4.58 13.47 5.03
N TRP A 79 -4.43 13.27 6.33
CA TRP A 79 -3.31 12.54 6.92
C TRP A 79 -2.75 11.32 6.19
N ASP A 80 -3.53 10.25 6.10
CA ASP A 80 -3.02 9.05 5.45
C ASP A 80 -2.34 9.35 4.10
N ASP A 81 -2.65 10.49 3.49
CA ASP A 81 -2.02 10.87 2.23
C ASP A 81 -0.77 11.70 2.49
N MET A 82 -0.66 12.23 3.71
CA MET A 82 0.51 13.00 4.07
C MET A 82 1.56 11.98 4.45
N GLU A 83 1.09 10.82 4.87
CA GLU A 83 1.98 9.73 5.25
C GLU A 83 2.60 9.18 3.97
N LYS A 84 1.82 9.17 2.88
CA LYS A 84 2.31 8.66 1.61
C LYS A 84 3.27 9.63 0.91
N ILE A 85 3.16 10.91 1.25
CA ILE A 85 4.05 11.90 0.66
C ILE A 85 5.36 11.71 1.37
N TRP A 86 5.32 11.92 2.68
CA TRP A 86 6.49 11.79 3.51
C TRP A 86 7.31 10.57 3.11
N HIS A 87 6.65 9.43 2.96
CA HIS A 87 7.34 8.21 2.56
C HIS A 87 8.11 8.47 1.28
N HIS A 88 7.36 8.67 0.19
CA HIS A 88 7.91 8.93 -1.12
C HIS A 88 9.09 9.88 -1.04
N THR A 89 8.97 10.91 -0.19
CA THR A 89 10.02 11.91 -0.01
C THR A 89 11.33 11.28 0.46
N PHE A 90 11.25 10.70 1.64
CA PHE A 90 12.35 10.02 2.29
C PHE A 90 13.05 9.03 1.40
N TYR A 91 12.30 8.05 0.91
CA TYR A 91 12.84 6.99 0.06
C TYR A 91 13.07 7.32 -1.42
N ASN A 92 12.06 7.87 -2.08
CA ASN A 92 12.13 8.18 -3.51
C ASN A 92 12.80 9.49 -3.92
N GLU A 93 12.68 10.53 -3.10
CA GLU A 93 13.32 11.79 -3.47
C GLU A 93 14.74 11.87 -2.93
N LEU A 94 14.86 11.81 -1.61
CA LEU A 94 16.16 11.88 -0.93
C LEU A 94 16.94 10.58 -1.03
N ARG A 95 16.22 9.47 -1.18
CA ARG A 95 16.78 8.13 -1.24
C ARG A 95 17.48 7.82 0.08
N VAL A 96 16.81 8.09 1.20
CA VAL A 96 17.38 7.86 2.51
C VAL A 96 16.44 7.07 3.44
N ALA A 97 17.01 6.46 4.48
CA ALA A 97 16.23 5.70 5.45
C ALA A 97 15.85 6.57 6.64
N PRO A 98 14.60 7.03 6.66
CA PRO A 98 14.06 7.88 7.73
C PRO A 98 14.64 7.46 9.08
N GLU A 99 14.41 6.20 9.42
CA GLU A 99 14.86 5.59 10.66
C GLU A 99 16.24 6.01 11.15
N GLU A 100 17.12 6.38 10.21
CA GLU A 100 18.48 6.77 10.60
C GLU A 100 18.87 8.18 10.22
N HIS A 101 17.93 9.11 10.36
CA HIS A 101 18.18 10.51 10.05
C HIS A 101 17.39 11.47 10.90
N PRO A 102 18.08 12.41 11.52
CA PRO A 102 17.28 13.33 12.31
C PRO A 102 16.42 14.06 11.27
N THR A 103 15.26 14.59 11.65
CA THR A 103 14.43 15.29 10.66
C THR A 103 13.69 16.52 11.14
N LEU A 104 13.98 17.64 10.47
CA LEU A 104 13.37 18.90 10.80
C LEU A 104 12.14 19.05 9.93
N LEU A 105 10.99 19.24 10.58
CA LEU A 105 9.70 19.43 9.89
C LEU A 105 9.25 20.88 10.03
N THR A 106 8.29 21.29 9.20
CA THR A 106 7.76 22.65 9.31
C THR A 106 6.24 22.63 9.51
N GLU A 107 5.78 23.47 10.43
CA GLU A 107 4.37 23.54 10.72
C GLU A 107 3.98 24.95 10.34
N ALA A 108 2.80 25.11 9.79
CA ALA A 108 2.38 26.44 9.42
C ALA A 108 2.05 27.13 10.73
N PRO A 109 1.89 28.45 10.69
CA PRO A 109 1.57 29.16 11.92
C PRO A 109 0.18 28.75 12.40
N LEU A 110 0.00 28.69 13.72
CA LEU A 110 -1.27 28.31 14.30
C LEU A 110 -1.53 26.83 14.03
N ASN A 111 -0.45 26.06 14.00
CA ASN A 111 -0.57 24.64 13.75
C ASN A 111 -1.24 24.08 14.98
N PRO A 112 -2.36 23.36 14.81
CA PRO A 112 -3.16 22.73 15.85
C PRO A 112 -2.34 21.80 16.75
N LYS A 113 -2.65 21.82 18.05
CA LYS A 113 -1.95 20.97 19.01
C LYS A 113 -1.93 19.53 18.52
N ALA A 114 -3.08 19.07 18.07
CA ALA A 114 -3.22 17.71 17.58
C ALA A 114 -2.42 17.47 16.32
N ASN A 115 -2.45 18.42 15.39
CA ASN A 115 -1.72 18.25 14.14
C ASN A 115 -0.25 18.17 14.44
N ARG A 116 0.19 18.94 15.42
CA ARG A 116 1.58 18.94 15.79
C ARG A 116 1.96 17.54 16.35
N GLU A 117 1.11 17.01 17.23
CA GLU A 117 1.34 15.71 17.82
C GLU A 117 1.17 14.61 16.81
N LYS A 118 0.05 14.58 16.12
CA LYS A 118 -0.20 13.56 15.11
C LYS A 118 1.04 13.39 14.22
N MET A 119 1.55 14.51 13.74
CA MET A 119 2.73 14.55 12.89
C MET A 119 3.91 13.93 13.59
N THR A 120 4.13 14.32 14.84
CA THR A 120 5.22 13.78 15.69
C THR A 120 5.14 12.27 15.60
N GLN A 121 4.08 11.76 16.19
CA GLN A 121 3.78 10.34 16.22
C GLN A 121 4.24 9.64 14.95
N ILE A 122 3.59 9.96 13.84
CA ILE A 122 3.89 9.33 12.57
C ILE A 122 5.36 9.26 12.26
N MET A 123 6.08 10.33 12.54
CA MET A 123 7.50 10.37 12.27
C MET A 123 8.33 9.34 13.07
N PHE A 124 8.04 9.22 14.36
CA PHE A 124 8.76 8.27 15.20
C PHE A 124 8.22 6.84 15.16
N GLU A 125 6.91 6.71 15.20
CA GLU A 125 6.26 5.40 15.24
C GLU A 125 6.06 4.72 13.89
N THR A 126 5.81 5.51 12.85
CA THR A 126 5.63 4.91 11.54
C THR A 126 6.96 4.88 10.82
N PHE A 127 7.66 6.00 10.83
CA PHE A 127 8.95 6.07 10.16
C PHE A 127 10.16 5.77 11.06
N ASN A 128 9.92 5.68 12.36
CA ASN A 128 10.99 5.41 13.32
C ASN A 128 12.25 6.24 13.10
N VAL A 129 12.12 7.55 13.15
CA VAL A 129 13.30 8.35 12.95
C VAL A 129 14.10 8.34 14.25
N PRO A 130 15.39 8.61 14.16
CA PRO A 130 16.31 8.63 15.30
C PRO A 130 15.97 9.80 16.22
N ALA A 131 15.53 10.89 15.60
CA ALA A 131 15.18 12.11 16.32
C ALA A 131 14.59 13.04 15.27
N MET A 132 13.71 13.94 15.70
CA MET A 132 13.08 14.88 14.78
C MET A 132 12.63 16.15 15.48
N TYR A 133 12.34 17.18 14.70
CA TYR A 133 11.92 18.46 15.25
C TYR A 133 10.85 19.11 14.38
N VAL A 134 10.17 20.10 14.93
CA VAL A 134 9.15 20.84 14.18
C VAL A 134 9.35 22.35 14.31
N ALA A 135 9.39 23.04 13.18
CA ALA A 135 9.60 24.48 13.18
C ALA A 135 8.46 25.19 12.47
N ILE A 136 8.12 26.39 12.95
CA ILE A 136 7.07 27.15 12.32
C ILE A 136 7.54 27.67 10.97
N GLN A 137 6.85 27.21 9.92
CA GLN A 137 7.18 27.59 8.55
C GLN A 137 7.70 29.03 8.43
N ALA A 138 7.09 29.96 9.16
CA ALA A 138 7.50 31.37 9.09
C ALA A 138 8.87 31.72 9.70
N VAL A 139 9.00 31.46 10.99
CA VAL A 139 10.23 31.73 11.74
C VAL A 139 11.49 31.33 10.96
N LEU A 140 11.44 30.19 10.31
CA LEU A 140 12.61 29.75 9.58
C LEU A 140 12.95 30.82 8.57
N SER A 141 11.99 31.21 7.73
CA SER A 141 12.21 32.23 6.72
C SER A 141 13.00 33.42 7.26
N LEU A 142 12.63 33.85 8.45
CA LEU A 142 13.29 34.98 9.12
C LEU A 142 14.73 34.62 9.44
N TYR A 143 14.89 33.47 10.09
CA TYR A 143 16.20 32.94 10.47
C TYR A 143 17.11 32.87 9.22
N ALA A 144 16.54 32.40 8.11
CA ALA A 144 17.29 32.26 6.88
C ALA A 144 17.95 33.54 6.43
N SER A 145 17.42 34.67 6.89
CA SER A 145 17.97 35.98 6.55
C SER A 145 18.91 36.51 7.64
N GLY A 146 19.08 35.73 8.72
CA GLY A 146 19.96 36.13 9.79
C GLY A 146 19.30 37.06 10.80
N ARG A 147 17.99 36.95 10.91
CA ARG A 147 17.24 37.78 11.84
C ARG A 147 16.53 36.93 12.88
N THR A 148 16.56 37.39 14.13
CA THR A 148 15.88 36.72 15.23
C THR A 148 14.65 37.55 15.59
N THR A 149 14.41 38.61 14.81
CA THR A 149 13.25 39.48 14.99
C THR A 149 12.83 40.09 13.67
N GLY A 150 11.52 40.21 13.48
CA GLY A 150 10.97 40.81 12.27
C GLY A 150 9.55 40.32 12.09
N ILE A 151 8.88 40.82 11.05
CA ILE A 151 7.51 40.39 10.79
C ILE A 151 7.51 39.81 9.38
N VAL A 152 7.34 38.50 9.30
CA VAL A 152 7.38 37.82 8.01
C VAL A 152 6.04 37.60 7.31
N LEU A 153 6.05 37.82 6.00
CA LEU A 153 4.89 37.66 5.12
C LEU A 153 5.08 36.37 4.33
N ASP A 154 4.56 35.25 4.84
CA ASP A 154 4.71 34.00 4.11
C ASP A 154 3.51 33.91 3.16
N SER A 155 3.81 33.84 1.87
CA SER A 155 2.79 33.74 0.84
C SER A 155 3.19 32.63 -0.16
N GLY A 156 2.58 31.45 -0.05
CA GLY A 156 2.91 30.37 -0.96
C GLY A 156 1.95 30.12 -2.11
N ASP A 157 1.29 28.96 -2.12
CA ASP A 157 0.35 28.64 -3.17
C ASP A 157 -1.03 28.58 -2.56
N GLY A 158 -1.08 28.15 -1.32
CA GLY A 158 -2.37 28.04 -0.65
C GLY A 158 -2.73 29.16 0.32
N VAL A 159 -1.82 29.50 1.24
CA VAL A 159 -2.07 30.52 2.24
C VAL A 159 -1.12 31.72 2.32
N THR A 160 -1.63 32.79 2.94
CA THR A 160 -0.91 34.05 3.14
C THR A 160 -0.97 34.42 4.63
N HIS A 161 0.18 34.37 5.29
CA HIS A 161 0.30 34.65 6.71
C HIS A 161 1.23 35.84 7.00
N ASN A 162 0.82 36.69 7.94
CA ASN A 162 1.58 37.86 8.39
C ASN A 162 2.10 37.48 9.75
N VAL A 163 3.41 37.40 9.90
CA VAL A 163 3.95 36.99 11.17
C VAL A 163 4.97 37.89 11.82
N PRO A 164 4.67 38.32 13.06
CA PRO A 164 5.47 39.20 13.91
C PRO A 164 6.27 38.27 14.84
N ILE A 165 7.55 38.60 15.08
CA ILE A 165 8.40 37.73 15.90
C ILE A 165 9.43 38.48 16.73
N TYR A 166 9.39 38.29 18.05
CA TYR A 166 10.33 38.96 18.93
C TYR A 166 11.18 37.98 19.72
N GLU A 167 12.50 38.13 19.60
CA GLU A 167 13.46 37.26 20.28
C GLU A 167 13.12 35.77 20.12
N GLY A 168 12.90 35.35 18.87
CA GLY A 168 12.59 33.96 18.58
C GLY A 168 11.15 33.49 18.47
N TYR A 169 10.31 33.87 19.42
CA TYR A 169 8.90 33.45 19.43
C TYR A 169 8.05 34.27 18.47
N ALA A 170 6.99 33.64 17.96
CA ALA A 170 6.07 34.31 17.09
C ALA A 170 5.05 34.84 18.09
N LEU A 171 4.18 35.73 17.65
CA LEU A 171 3.17 36.26 18.56
C LEU A 171 1.85 35.84 17.95
N PRO A 172 1.39 34.62 18.26
CA PRO A 172 0.15 34.07 17.71
C PRO A 172 -1.09 34.94 17.92
N HIS A 173 -0.96 35.99 18.72
CA HIS A 173 -2.09 36.88 18.94
C HIS A 173 -2.09 37.91 17.82
N ALA A 174 -0.95 38.10 17.18
CA ALA A 174 -0.84 39.08 16.12
C ALA A 174 -0.66 38.42 14.76
N ILE A 175 -1.08 37.17 14.63
CA ILE A 175 -0.95 36.49 13.36
C ILE A 175 -2.12 36.81 12.48
N MET A 176 -1.84 37.26 11.26
CA MET A 176 -2.89 37.61 10.31
C MET A 176 -2.88 36.68 9.10
N ARG A 177 -3.97 35.95 8.91
CA ARG A 177 -4.10 34.99 7.80
C ARG A 177 -4.93 35.54 6.64
N LEU A 178 -4.68 35.02 5.44
CA LEU A 178 -5.39 35.44 4.24
C LEU A 178 -5.47 34.28 3.25
N ASP A 179 -6.65 33.66 3.14
CA ASP A 179 -6.88 32.54 2.22
C ASP A 179 -6.84 32.93 0.73
N LEU A 180 -5.91 33.81 0.42
CA LEU A 180 -5.69 34.27 -0.93
C LEU A 180 -4.20 34.21 -1.15
N ALA A 181 -3.80 33.47 -2.18
CA ALA A 181 -2.41 33.31 -2.54
C ALA A 181 -2.28 32.75 -3.97
N GLY A 182 -1.16 32.12 -4.28
CA GLY A 182 -0.90 31.59 -5.61
C GLY A 182 -1.98 30.99 -6.48
N ARG A 183 -2.50 29.83 -6.08
CA ARG A 183 -3.56 29.16 -6.82
C ARG A 183 -4.56 30.21 -7.24
N ASP A 184 -5.11 30.90 -6.25
CA ASP A 184 -6.07 31.94 -6.49
C ASP A 184 -5.59 32.87 -7.63
N LEU A 185 -4.41 33.47 -7.46
CA LEU A 185 -3.88 34.40 -8.46
C LEU A 185 -3.78 33.78 -9.84
N THR A 186 -3.10 32.64 -9.91
CA THR A 186 -3.00 31.96 -11.17
C THR A 186 -4.41 31.94 -11.74
N ASP A 187 -5.34 31.40 -10.97
CA ASP A 187 -6.74 31.30 -11.41
C ASP A 187 -7.39 32.60 -11.91
N TYR A 188 -7.15 33.71 -11.23
CA TYR A 188 -7.74 34.99 -11.64
C TYR A 188 -7.13 35.30 -12.97
N LEU A 189 -5.81 35.20 -13.01
CA LEU A 189 -5.10 35.47 -14.23
C LEU A 189 -5.88 34.90 -15.41
N MET A 190 -6.45 33.71 -15.19
CA MET A 190 -7.26 33.02 -16.21
C MET A 190 -8.52 33.80 -16.48
N LYS A 191 -9.30 34.06 -15.43
CA LYS A 191 -10.56 34.79 -15.57
C LYS A 191 -10.32 36.03 -16.42
N ILE A 192 -9.32 36.83 -16.04
CA ILE A 192 -9.03 38.05 -16.75
C ILE A 192 -8.50 37.85 -18.14
N LEU A 193 -7.88 36.70 -18.38
CA LEU A 193 -7.40 36.42 -19.72
C LEU A 193 -8.60 35.95 -20.53
N THR A 194 -9.37 35.02 -20.00
CA THR A 194 -10.55 34.55 -20.70
C THR A 194 -11.41 35.75 -21.15
N GLU A 195 -11.64 36.68 -20.22
CA GLU A 195 -12.42 37.90 -20.49
C GLU A 195 -11.79 38.57 -21.69
N ARG A 196 -10.46 38.42 -21.77
CA ARG A 196 -9.66 38.99 -22.84
C ARG A 196 -10.00 38.29 -24.17
N GLY A 197 -10.41 37.03 -24.11
CA GLY A 197 -10.74 36.33 -25.33
C GLY A 197 -10.15 34.95 -25.45
N TYR A 198 -9.00 34.78 -24.82
CA TYR A 198 -8.27 33.54 -24.83
C TYR A 198 -9.14 32.51 -24.23
N SER A 199 -8.71 31.25 -24.26
CA SER A 199 -9.52 30.14 -23.77
C SER A 199 -8.68 29.13 -23.01
N PHE A 200 -8.61 29.30 -21.70
CA PHE A 200 -7.85 28.38 -20.84
C PHE A 200 -8.77 27.48 -20.04
N VAL A 201 -9.05 26.29 -20.58
CA VAL A 201 -9.98 25.36 -19.95
C VAL A 201 -9.25 24.12 -19.44
N THR A 202 -8.74 23.32 -20.37
CA THR A 202 -8.02 22.10 -20.01
C THR A 202 -7.11 22.32 -18.81
N THR A 203 -6.77 21.24 -18.12
CA THR A 203 -5.82 21.30 -17.03
C THR A 203 -4.44 21.71 -17.51
N ALA A 204 -4.21 21.57 -18.82
CA ALA A 204 -2.91 21.89 -19.41
C ALA A 204 -2.74 23.41 -19.53
N GLU A 205 -3.76 24.10 -20.02
CA GLU A 205 -3.69 25.55 -20.14
C GLU A 205 -3.57 26.18 -18.76
N ARG A 206 -4.07 25.50 -17.73
CA ARG A 206 -3.98 26.02 -16.37
C ARG A 206 -2.49 26.12 -16.04
N GLU A 207 -1.75 25.04 -16.28
CA GLU A 207 -0.33 25.05 -16.01
C GLU A 207 0.37 26.03 -16.94
N ILE A 208 -0.39 26.53 -17.92
CA ILE A 208 0.17 27.48 -18.87
C ILE A 208 -0.01 28.87 -18.34
N VAL A 209 -1.12 29.11 -17.66
CA VAL A 209 -1.37 30.43 -17.10
C VAL A 209 -0.49 30.61 -15.89
N ARG A 210 0.02 29.51 -15.34
CA ARG A 210 0.88 29.66 -14.20
C ARG A 210 2.26 30.08 -14.69
N ASP A 211 2.73 29.41 -15.73
CA ASP A 211 4.04 29.70 -16.31
C ASP A 211 4.00 31.14 -16.82
N ILE A 212 2.94 31.45 -17.56
CA ILE A 212 2.74 32.79 -18.11
C ILE A 212 2.91 33.81 -16.98
N LYS A 213 2.05 33.65 -15.97
CA LYS A 213 2.04 34.47 -14.77
C LYS A 213 3.45 34.56 -14.23
N GLU A 214 3.96 33.40 -13.85
CA GLU A 214 5.28 33.30 -13.29
C GLU A 214 6.34 34.15 -13.97
N LYS A 215 6.28 34.22 -15.31
CA LYS A 215 7.29 34.95 -16.08
C LYS A 215 7.03 36.35 -16.68
N LEU A 216 5.79 36.82 -16.65
CA LEU A 216 5.52 38.14 -17.19
C LEU A 216 4.69 38.99 -16.24
N CYS A 217 4.68 38.64 -14.96
CA CYS A 217 3.90 39.42 -14.01
C CYS A 217 4.76 40.22 -13.00
N TYR A 218 4.22 41.36 -12.56
CA TYR A 218 4.86 42.27 -11.61
C TYR A 218 3.84 43.08 -10.78
N VAL A 219 4.36 43.96 -9.93
CA VAL A 219 3.53 44.82 -9.09
C VAL A 219 3.76 46.33 -9.27
N ALA A 220 2.82 46.97 -9.94
CA ALA A 220 2.83 48.40 -10.23
C ALA A 220 2.97 49.28 -8.99
N LEU A 221 3.68 50.40 -9.11
CA LEU A 221 3.81 51.32 -7.97
C LEU A 221 2.50 52.09 -7.87
N ASP A 222 2.17 52.85 -8.90
CA ASP A 222 0.91 53.56 -8.90
C ASP A 222 0.03 52.84 -9.94
N PHE A 223 -0.81 51.93 -9.44
CA PHE A 223 -1.73 51.10 -10.24
C PHE A 223 -2.48 51.81 -11.35
N GLU A 224 -3.34 52.74 -10.97
CA GLU A 224 -4.13 53.46 -11.97
C GLU A 224 -3.27 54.24 -12.97
N ASN A 225 -2.01 54.41 -12.63
CA ASN A 225 -1.08 55.10 -13.53
C ASN A 225 -0.73 54.04 -14.59
N GLU A 226 -0.11 52.95 -14.13
CA GLU A 226 0.29 51.84 -15.01
C GLU A 226 -0.95 51.31 -15.70
N MET A 227 -2.08 51.44 -15.02
CA MET A 227 -3.35 50.98 -15.56
C MET A 227 -3.75 51.86 -16.73
N ALA A 228 -3.68 53.18 -16.49
CA ALA A 228 -4.03 54.19 -17.49
C ALA A 228 -3.04 54.16 -18.66
N THR A 229 -1.78 53.98 -18.31
CA THR A 229 -0.73 53.93 -19.29
C THR A 229 -0.74 52.61 -20.07
N ALA A 230 -1.32 51.57 -19.47
CA ALA A 230 -1.39 50.26 -20.10
C ALA A 230 -2.40 50.21 -21.25
N ALA A 231 -3.49 50.96 -21.12
CA ALA A 231 -4.54 50.99 -22.14
C ALA A 231 -4.48 52.18 -23.12
N SER A 232 -3.59 53.14 -22.86
CA SER A 232 -3.44 54.31 -23.73
C SER A 232 -2.38 54.09 -24.81
N SER A 233 -1.29 53.43 -24.43
CA SER A 233 -0.20 53.14 -25.35
C SER A 233 0.21 51.69 -25.12
N SER A 234 0.50 50.95 -26.20
CA SER A 234 0.87 49.53 -26.11
C SER A 234 2.27 49.30 -25.54
N SER A 235 2.92 50.36 -25.07
CA SER A 235 4.27 50.28 -24.53
C SER A 235 4.52 49.23 -23.46
N LEU A 236 3.49 48.82 -22.72
CA LEU A 236 3.71 47.85 -21.66
C LEU A 236 3.30 46.42 -21.96
N GLU A 237 3.08 46.11 -23.24
CA GLU A 237 2.67 44.75 -23.63
C GLU A 237 3.87 43.78 -23.65
N LYS A 238 3.58 42.50 -23.83
CA LYS A 238 4.57 41.43 -23.93
C LYS A 238 3.82 40.34 -24.63
N SER A 239 4.51 39.33 -25.14
CA SER A 239 3.79 38.25 -25.83
C SER A 239 4.35 36.90 -25.37
N TYR A 240 3.49 35.89 -25.32
CA TYR A 240 3.89 34.53 -24.88
C TYR A 240 3.57 33.45 -25.92
N GLU A 241 4.53 32.53 -26.13
CA GLU A 241 4.37 31.44 -27.08
C GLU A 241 4.03 30.13 -26.39
N LEU A 242 2.88 29.55 -26.73
CA LEU A 242 2.43 28.29 -26.14
C LEU A 242 3.23 27.14 -26.77
N PRO A 243 3.05 25.88 -26.30
CA PRO A 243 3.76 24.69 -26.83
C PRO A 243 3.63 24.37 -28.33
N ASP A 244 2.53 24.77 -28.94
CA ASP A 244 2.34 24.50 -30.35
C ASP A 244 2.61 25.67 -31.31
N GLY A 245 3.56 26.52 -30.94
CA GLY A 245 3.92 27.66 -31.78
C GLY A 245 2.95 28.82 -31.79
N GLN A 246 1.85 28.68 -31.05
CA GLN A 246 0.83 29.71 -30.98
C GLN A 246 1.17 30.80 -29.95
N VAL A 247 0.97 32.06 -30.35
CA VAL A 247 1.30 33.19 -29.47
C VAL A 247 0.11 33.93 -28.88
N ILE A 248 0.24 34.30 -27.62
CA ILE A 248 -0.79 35.06 -26.96
C ILE A 248 -0.05 36.31 -26.50
N THR A 249 -0.80 37.30 -26.07
CA THR A 249 -0.19 38.54 -25.64
C THR A 249 -0.85 39.07 -24.38
N ILE A 250 -0.07 39.19 -23.31
CA ILE A 250 -0.61 39.71 -22.06
C ILE A 250 -0.55 41.25 -21.95
N GLY A 251 -1.72 41.87 -21.81
CA GLY A 251 -1.84 43.32 -21.72
C GLY A 251 -1.62 43.85 -20.31
N ASN A 252 -2.64 44.42 -19.68
CA ASN A 252 -2.46 44.91 -18.32
C ASN A 252 -2.65 43.73 -17.37
N GLU A 253 -3.05 42.59 -17.94
CA GLU A 253 -3.25 41.38 -17.18
C GLU A 253 -1.98 41.14 -16.38
N ARG A 254 -0.88 41.73 -16.86
CA ARG A 254 0.42 41.58 -16.21
C ARG A 254 0.45 42.03 -14.75
N PHE A 255 -0.22 43.12 -14.42
CA PHE A 255 -0.18 43.59 -13.06
C PHE A 255 -1.57 43.58 -12.43
N ARG A 256 -2.56 43.17 -13.23
CA ARG A 256 -3.95 43.10 -12.75
C ARG A 256 -4.13 41.80 -11.99
N CYS A 257 -3.23 40.85 -12.23
CA CYS A 257 -3.27 39.54 -11.58
C CYS A 257 -2.71 39.60 -10.17
N PRO A 258 -1.50 40.16 -10.01
CA PRO A 258 -0.92 40.25 -8.66
C PRO A 258 -1.52 41.40 -7.83
N GLU A 259 -2.27 42.27 -8.49
CA GLU A 259 -2.89 43.42 -7.85
C GLU A 259 -3.84 42.94 -6.77
N THR A 260 -4.33 41.73 -6.95
CA THR A 260 -5.25 41.16 -6.01
C THR A 260 -4.73 41.10 -4.60
N LEU A 261 -3.51 40.65 -4.43
CA LEU A 261 -2.96 40.58 -3.09
C LEU A 261 -3.20 41.89 -2.35
N PHE A 262 -3.13 42.99 -3.07
CA PHE A 262 -3.38 44.29 -2.46
C PHE A 262 -4.86 44.72 -2.52
N GLN A 263 -5.64 44.03 -3.35
CA GLN A 263 -7.04 44.35 -3.46
C GLN A 263 -7.91 43.11 -3.52
N PRO A 264 -8.01 42.35 -2.41
CA PRO A 264 -8.83 41.13 -2.39
C PRO A 264 -10.24 41.31 -2.91
N SER A 265 -10.66 42.56 -3.05
CA SER A 265 -11.99 42.87 -3.56
C SER A 265 -12.12 42.42 -5.01
N PHE A 266 -11.00 42.21 -5.68
CA PHE A 266 -11.01 41.75 -7.06
C PHE A 266 -11.65 40.39 -7.21
N ILE A 267 -11.17 39.42 -6.44
CA ILE A 267 -11.71 38.05 -6.52
C ILE A 267 -12.87 37.85 -5.55
N GLY A 268 -13.28 38.96 -4.94
CA GLY A 268 -14.38 38.94 -3.99
C GLY A 268 -14.01 38.46 -2.60
N MET A 269 -13.19 39.23 -1.90
CA MET A 269 -12.81 38.87 -0.56
C MET A 269 -12.93 40.10 0.31
N GLU A 270 -13.84 40.08 1.28
CA GLU A 270 -14.00 41.23 2.18
C GLU A 270 -12.74 41.35 3.07
N SER A 271 -11.74 40.49 2.84
CA SER A 271 -10.50 40.50 3.62
C SER A 271 -9.65 41.72 3.26
N ALA A 272 -8.80 42.15 4.18
CA ALA A 272 -7.96 43.33 3.96
C ALA A 272 -6.72 43.07 3.07
N GLY A 273 -6.35 44.07 2.26
CA GLY A 273 -5.19 43.97 1.38
C GLY A 273 -3.92 43.71 2.15
N ILE A 274 -3.12 42.75 1.69
CA ILE A 274 -1.90 42.39 2.39
C ILE A 274 -1.13 43.58 2.99
N HIS A 275 -1.01 44.65 2.22
CA HIS A 275 -0.33 45.83 2.73
C HIS A 275 -0.96 46.13 4.10
N GLU A 276 -2.28 46.17 4.14
CA GLU A 276 -3.01 46.46 5.35
C GLU A 276 -2.86 45.40 6.37
N THR A 277 -3.19 44.17 5.98
CA THR A 277 -3.07 43.06 6.89
C THR A 277 -1.67 43.03 7.51
N THR A 278 -0.72 43.73 6.89
CA THR A 278 0.62 43.76 7.47
C THR A 278 0.69 44.85 8.53
N TYR A 279 0.10 46.00 8.23
CA TYR A 279 0.08 47.12 9.17
C TYR A 279 -0.71 46.65 10.34
N ASN A 280 -1.92 46.18 10.04
CA ASN A 280 -2.86 45.69 11.03
C ASN A 280 -2.20 44.80 12.08
N SER A 281 -1.13 44.12 11.68
CA SER A 281 -0.38 43.23 12.56
C SER A 281 0.66 43.97 13.43
N ILE A 282 1.55 44.73 12.80
CA ILE A 282 2.56 45.48 13.52
C ILE A 282 1.84 46.32 14.57
N MET A 283 0.55 46.55 14.37
CA MET A 283 -0.20 47.32 15.33
C MET A 283 -0.69 46.50 16.51
N LYS A 284 -0.99 45.23 16.29
CA LYS A 284 -1.46 44.36 17.38
C LYS A 284 -0.32 44.11 18.37
N CYS A 285 0.77 44.88 18.27
CA CYS A 285 1.93 44.66 19.12
C CYS A 285 2.32 45.71 20.16
N ASP A 286 3.10 45.26 21.14
CA ASP A 286 3.63 46.09 22.22
C ASP A 286 4.23 47.32 21.56
N ILE A 287 3.85 48.48 22.05
CA ILE A 287 4.30 49.76 21.51
C ILE A 287 5.80 49.97 21.28
N ASP A 288 6.62 49.64 22.26
CA ASP A 288 8.07 49.87 22.16
C ASP A 288 8.88 49.03 21.17
N ILE A 289 8.29 47.96 20.63
CA ILE A 289 9.02 47.12 19.70
C ILE A 289 8.69 47.25 18.23
N ARG A 290 7.41 47.42 17.91
CA ARG A 290 6.94 47.55 16.53
C ARG A 290 8.02 48.25 15.71
N LYS A 291 8.63 49.21 16.38
CA LYS A 291 9.69 50.05 15.84
C LYS A 291 10.66 49.25 15.00
N ASP A 292 11.12 48.16 15.59
CA ASP A 292 12.08 47.25 14.99
C ASP A 292 11.42 46.47 13.85
N LEU A 293 10.18 46.06 14.06
CA LEU A 293 9.38 45.32 13.08
C LEU A 293 9.17 46.14 11.81
N TYR A 294 8.49 47.26 11.98
CA TYR A 294 8.24 48.16 10.87
C TYR A 294 9.45 48.19 9.95
N ALA A 295 10.65 48.11 10.54
CA ALA A 295 11.88 48.14 9.76
C ALA A 295 12.32 46.78 9.24
N ASN A 296 12.00 45.71 9.96
CA ASN A 296 12.39 44.36 9.55
C ASN A 296 11.31 43.50 8.91
N ASN A 297 10.60 44.09 7.95
CA ASN A 297 9.54 43.40 7.24
C ASN A 297 10.23 42.50 6.22
N VAL A 298 10.14 41.17 6.40
CA VAL A 298 10.79 40.21 5.49
C VAL A 298 9.81 39.31 4.74
N MET A 299 10.01 39.18 3.42
CA MET A 299 9.13 38.34 2.61
C MET A 299 9.64 36.98 2.12
N SER A 300 8.74 36.00 2.16
CA SER A 300 9.06 34.66 1.73
C SER A 300 7.86 34.06 0.98
N GLY A 301 8.10 32.94 0.31
CA GLY A 301 7.05 32.26 -0.42
C GLY A 301 6.96 32.58 -1.90
N GLY A 302 6.73 31.53 -2.69
CA GLY A 302 6.64 31.67 -4.13
C GLY A 302 5.82 32.81 -4.70
N THR A 303 4.75 33.20 -4.02
CA THR A 303 3.89 34.28 -4.49
C THR A 303 4.39 35.69 -4.15
N THR A 304 5.45 35.80 -3.37
CA THR A 304 5.95 37.14 -3.09
C THR A 304 7.13 37.38 -4.02
N MET A 305 7.19 36.60 -5.09
CA MET A 305 8.25 36.72 -6.07
C MET A 305 7.94 37.78 -7.12
N TYR A 306 6.67 38.17 -7.22
CA TYR A 306 6.27 39.18 -8.18
C TYR A 306 7.20 40.35 -8.02
N PRO A 307 7.83 40.78 -9.12
CA PRO A 307 8.75 41.92 -9.06
C PRO A 307 8.04 43.26 -8.81
N GLY A 308 8.59 44.04 -7.88
CA GLY A 308 8.00 45.34 -7.59
C GLY A 308 7.02 45.28 -6.45
N ILE A 309 7.03 44.16 -5.74
CA ILE A 309 6.14 43.95 -4.60
C ILE A 309 6.75 44.64 -3.36
N ALA A 310 8.07 44.70 -3.33
CA ALA A 310 8.76 45.32 -2.21
C ALA A 310 8.64 46.80 -2.44
N ASP A 311 8.85 47.18 -3.69
CA ASP A 311 8.79 48.59 -4.08
C ASP A 311 7.34 49.06 -3.97
N ARG A 312 6.44 48.14 -3.69
CA ARG A 312 5.07 48.55 -3.58
C ARG A 312 4.69 48.46 -2.09
N MET A 313 5.32 47.53 -1.39
CA MET A 313 5.00 47.38 0.03
C MET A 313 5.47 48.64 0.71
N GLN A 314 6.66 49.10 0.32
CA GLN A 314 7.19 50.33 0.87
C GLN A 314 6.01 51.32 0.76
N LYS A 315 5.74 51.70 -0.49
CA LYS A 315 4.70 52.66 -0.84
C LYS A 315 3.48 52.60 0.08
N GLU A 316 3.07 51.40 0.45
CA GLU A 316 1.90 51.29 1.28
C GLU A 316 2.14 51.27 2.79
N ILE A 317 2.83 50.25 3.31
CA ILE A 317 3.03 50.21 4.77
C ILE A 317 3.60 51.54 5.23
N THR A 318 4.23 52.23 4.30
CA THR A 318 4.80 53.52 4.62
C THR A 318 3.66 54.50 4.93
N ALA A 319 2.84 54.79 3.92
CA ALA A 319 1.72 55.72 4.05
C ALA A 319 0.73 55.41 5.19
N LEU A 320 0.70 54.17 5.67
CA LEU A 320 -0.22 53.83 6.75
C LEU A 320 0.41 54.10 8.11
N ALA A 321 1.70 53.84 8.24
CA ALA A 321 2.43 54.04 9.49
C ALA A 321 2.77 55.50 9.83
N PRO A 322 3.36 55.75 11.01
CA PRO A 322 3.75 57.10 11.46
C PRO A 322 4.68 57.90 10.57
N SER A 323 4.48 59.22 10.53
CA SER A 323 5.27 60.11 9.70
C SER A 323 6.76 60.08 9.85
N THR A 324 7.17 59.74 11.06
CA THR A 324 8.56 59.65 11.47
C THR A 324 9.14 58.23 11.29
N MET A 325 8.27 57.24 11.29
CA MET A 325 8.67 55.85 11.20
C MET A 325 9.62 55.56 10.08
N LYS A 326 10.39 54.51 10.32
CA LYS A 326 11.39 54.00 9.40
C LYS A 326 10.96 52.58 9.02
N ILE A 327 10.76 52.37 7.71
CA ILE A 327 10.33 51.07 7.22
C ILE A 327 11.38 50.59 6.29
N LYS A 328 11.58 49.27 6.31
CA LYS A 328 12.54 48.61 5.42
C LYS A 328 12.11 47.19 5.11
N ILE A 329 11.63 47.00 3.88
CA ILE A 329 11.15 45.72 3.36
C ILE A 329 12.27 44.82 2.87
N ILE A 330 12.51 43.72 3.56
CA ILE A 330 13.55 42.76 3.18
C ILE A 330 12.99 41.67 2.26
N ALA A 331 13.40 41.73 1.00
CA ALA A 331 12.98 40.78 -0.02
C ALA A 331 14.21 40.11 -0.59
N PRO A 332 14.50 38.87 -0.14
CA PRO A 332 15.68 38.14 -0.61
C PRO A 332 15.44 37.47 -1.97
N PRO A 333 16.43 37.52 -2.87
CA PRO A 333 16.31 36.90 -4.20
C PRO A 333 15.78 35.46 -4.21
N GLU A 334 16.25 34.64 -3.28
CA GLU A 334 15.78 33.26 -3.17
C GLU A 334 14.72 33.19 -2.08
N ARG A 335 13.84 34.19 -2.06
CA ARG A 335 12.78 34.27 -1.05
C ARG A 335 11.79 33.15 -1.22
N LYS A 336 12.01 32.33 -2.22
CA LYS A 336 11.09 31.23 -2.46
C LYS A 336 11.47 30.09 -1.52
N TYR A 337 12.71 29.60 -1.63
CA TYR A 337 13.19 28.50 -0.80
C TYR A 337 13.69 28.99 0.54
N SER A 338 13.11 30.10 1.00
CA SER A 338 13.49 30.73 2.26
C SER A 338 13.20 29.78 3.39
N VAL A 339 11.92 29.49 3.60
CA VAL A 339 11.51 28.58 4.68
C VAL A 339 12.48 27.42 4.81
N TRP A 340 12.59 26.62 3.75
CA TRP A 340 13.49 25.47 3.75
C TRP A 340 14.89 25.79 4.21
N ILE A 341 15.49 26.82 3.62
CA ILE A 341 16.84 27.18 4.01
C ILE A 341 16.94 27.33 5.52
N GLY A 342 16.01 28.09 6.10
CA GLY A 342 16.03 28.24 7.53
C GLY A 342 16.25 26.89 8.20
N GLY A 343 15.27 26.00 8.09
CA GLY A 343 15.40 24.67 8.68
C GLY A 343 16.76 24.06 8.45
N SER A 344 17.26 24.18 7.23
CA SER A 344 18.58 23.66 6.94
C SER A 344 19.44 24.31 8.00
N ILE A 345 19.66 25.60 7.84
CA ILE A 345 20.48 26.36 8.78
C ILE A 345 20.27 25.93 10.21
N LEU A 346 19.04 26.07 10.67
CA LEU A 346 18.71 25.72 12.03
C LEU A 346 19.32 24.39 12.42
N ALA A 347 19.03 23.36 11.63
CA ALA A 347 19.50 22.02 11.89
C ALA A 347 21.01 21.83 11.90
N SER A 348 21.74 22.62 11.12
CA SER A 348 23.18 22.50 11.05
C SER A 348 23.88 23.19 12.23
N LEU A 349 23.09 23.75 13.14
CA LEU A 349 23.66 24.43 14.31
C LEU A 349 23.98 23.55 15.49
N SER A 350 25.05 23.94 16.17
CA SER A 350 25.54 23.25 17.34
C SER A 350 24.57 23.43 18.48
N THR A 351 24.20 24.68 18.74
CA THR A 351 23.27 24.99 19.82
C THR A 351 21.90 24.35 19.58
N PHE A 352 21.74 23.74 18.41
CA PHE A 352 20.48 23.12 18.05
C PHE A 352 20.36 21.62 18.32
N GLN A 353 21.51 20.96 18.29
CA GLN A 353 21.56 19.52 18.52
C GLN A 353 20.87 19.20 19.84
N GLN A 354 21.25 19.94 20.88
CA GLN A 354 20.68 19.74 22.21
C GLN A 354 19.16 19.95 22.26
N MET A 355 18.59 20.42 21.15
CA MET A 355 17.17 20.71 21.10
C MET A 355 16.27 19.70 20.41
N TRP A 356 16.86 18.80 19.63
CA TRP A 356 16.07 17.80 18.93
C TRP A 356 15.26 17.01 19.92
N ILE A 357 14.30 16.25 19.40
CA ILE A 357 13.48 15.34 20.19
C ILE A 357 13.97 13.99 19.74
N THR A 358 14.52 13.23 20.68
CA THR A 358 15.08 11.93 20.36
C THR A 358 14.12 10.77 20.54
N LYS A 359 14.34 9.72 19.74
CA LYS A 359 13.53 8.52 19.76
C LYS A 359 13.29 8.10 21.20
N GLN A 360 14.38 8.04 21.96
CA GLN A 360 14.32 7.63 23.37
C GLN A 360 13.59 8.63 24.30
N GLU A 361 13.50 9.89 23.89
CA GLU A 361 12.80 10.89 24.69
C GLU A 361 11.31 10.76 24.45
N TYR A 362 10.98 10.35 23.24
CA TYR A 362 9.60 10.19 22.86
C TYR A 362 8.92 9.01 23.56
N ASP A 363 9.72 8.05 24.00
CA ASP A 363 9.15 6.85 24.62
C ASP A 363 8.73 6.89 26.10
N GLU A 364 9.17 7.88 26.87
CA GLU A 364 8.78 7.96 28.28
C GLU A 364 7.71 9.02 28.53
N ALA A 365 7.65 10.00 27.62
CA ALA A 365 6.71 11.12 27.74
C ALA A 365 5.55 11.13 26.74
N GLY A 366 5.67 10.32 25.69
CA GLY A 366 4.61 10.28 24.69
C GLY A 366 4.77 11.41 23.68
N PRO A 367 3.83 11.56 22.74
CA PRO A 367 3.92 12.62 21.74
C PRO A 367 3.50 13.99 22.25
N SER A 368 2.91 14.06 23.42
CA SER A 368 2.48 15.35 23.96
C SER A 368 3.72 16.16 24.24
N ILE A 369 4.86 15.54 23.92
CA ILE A 369 6.17 16.13 24.12
C ILE A 369 6.47 17.32 23.18
N VAL A 370 5.76 17.39 22.06
CA VAL A 370 5.94 18.45 21.08
C VAL A 370 5.85 19.85 21.66
N HIS A 371 5.02 20.01 22.69
CA HIS A 371 4.79 21.31 23.31
C HIS A 371 5.86 21.74 24.31
N ARG A 372 6.70 20.81 24.73
CA ARG A 372 7.73 21.13 25.71
C ARG A 372 9.12 21.30 25.09
N LYS A 373 9.31 20.79 23.88
CA LYS A 373 10.61 20.91 23.23
C LYS A 373 10.66 21.95 22.12
N CYS A 374 9.67 21.94 21.23
CA CYS A 374 9.62 22.88 20.11
C CYS A 374 8.90 24.15 20.53
N PHE A 375 9.29 24.64 21.70
CA PHE A 375 8.75 25.85 22.32
C PHE A 375 7.26 26.13 22.07
N THR B 5 -19.31 -11.21 -18.92
CA THR B 5 -20.32 -11.56 -17.88
C THR B 5 -20.03 -12.89 -17.13
N THR B 6 -18.77 -13.35 -17.18
CA THR B 6 -18.34 -14.60 -16.52
C THR B 6 -17.85 -14.45 -15.07
N ALA B 7 -17.76 -15.58 -14.34
CA ALA B 7 -17.35 -15.60 -12.93
C ALA B 7 -15.92 -16.05 -12.61
N LEU B 8 -15.50 -15.73 -11.39
CA LEU B 8 -14.15 -16.05 -10.91
C LEU B 8 -14.14 -17.09 -9.81
N VAL B 9 -13.20 -18.03 -9.91
CA VAL B 9 -13.05 -19.10 -8.91
C VAL B 9 -11.64 -19.02 -8.36
N CYS B 10 -11.54 -18.83 -7.05
CA CYS B 10 -10.25 -18.71 -6.39
C CYS B 10 -10.14 -19.72 -5.24
N ASP B 11 -9.27 -20.74 -5.41
CA ASP B 11 -9.05 -21.80 -4.40
C ASP B 11 -7.81 -21.59 -3.54
N ASN B 12 -8.04 -21.11 -2.33
CA ASN B 12 -7.00 -20.84 -1.34
C ASN B 12 -6.28 -22.10 -0.84
N GLY B 13 -4.97 -22.12 -1.10
CA GLY B 13 -4.15 -23.22 -0.64
C GLY B 13 -3.14 -22.61 0.32
N SER B 14 -2.83 -23.28 1.43
CA SER B 14 -1.87 -22.72 2.36
C SER B 14 -0.47 -22.78 1.73
N GLY B 15 -0.45 -23.03 0.43
CA GLY B 15 0.80 -23.10 -0.29
C GLY B 15 0.65 -22.67 -1.74
N LEU B 16 -0.58 -22.74 -2.25
CA LEU B 16 -0.84 -22.35 -3.63
C LEU B 16 -2.19 -21.73 -3.87
N VAL B 17 -2.20 -20.63 -4.57
CA VAL B 17 -3.46 -20.00 -4.91
C VAL B 17 -3.72 -20.52 -6.34
N LYS B 18 -4.91 -21.05 -6.57
CA LYS B 18 -5.24 -21.57 -7.88
C LYS B 18 -6.50 -20.86 -8.30
N ALA B 19 -6.38 -20.01 -9.31
CA ALA B 19 -7.52 -19.25 -9.77
C ALA B 19 -7.71 -19.27 -11.27
N GLY B 20 -8.98 -19.20 -11.66
CA GLY B 20 -9.34 -19.19 -13.06
C GLY B 20 -10.72 -18.57 -13.20
N PHE B 21 -11.35 -18.82 -14.34
CA PHE B 21 -12.68 -18.31 -14.61
C PHE B 21 -13.59 -19.51 -14.58
N ALA B 22 -14.83 -19.35 -14.11
CA ALA B 22 -15.75 -20.48 -14.06
C ALA B 22 -16.04 -20.97 -15.48
N GLY B 23 -16.24 -22.28 -15.63
CA GLY B 23 -16.55 -22.86 -16.93
C GLY B 23 -15.38 -23.45 -17.72
N ASP B 24 -14.16 -23.18 -17.26
CA ASP B 24 -12.94 -23.66 -17.89
C ASP B 24 -12.37 -24.83 -17.10
N ASP B 25 -11.73 -25.76 -17.81
CA ASP B 25 -11.17 -26.99 -17.19
C ASP B 25 -9.84 -26.95 -16.38
N ALA B 26 -9.34 -25.76 -16.03
CA ALA B 26 -8.09 -25.62 -15.24
C ALA B 26 -7.70 -24.19 -14.82
N PRO B 27 -7.14 -24.04 -13.62
CA PRO B 27 -6.78 -22.66 -13.27
C PRO B 27 -5.75 -21.98 -14.15
N ARG B 28 -6.14 -20.83 -14.70
CA ARG B 28 -5.27 -20.04 -15.58
C ARG B 28 -3.99 -19.63 -14.87
N ALA B 29 -4.08 -19.47 -13.56
CA ALA B 29 -2.91 -19.08 -12.79
C ALA B 29 -2.82 -19.93 -11.55
N VAL B 30 -1.60 -20.12 -11.08
CA VAL B 30 -1.35 -20.88 -9.89
C VAL B 30 -0.04 -20.34 -9.36
N PHE B 31 -0.04 -19.90 -8.11
CA PHE B 31 1.17 -19.33 -7.55
C PHE B 31 1.29 -19.58 -6.08
N PRO B 32 2.44 -19.21 -5.48
CA PRO B 32 2.75 -19.35 -4.06
C PRO B 32 1.91 -18.45 -3.16
N SER B 33 1.27 -19.02 -2.14
CA SER B 33 0.46 -18.24 -1.22
C SER B 33 1.36 -17.55 -0.20
N ILE B 34 2.18 -16.61 -0.68
CA ILE B 34 3.11 -15.88 0.18
C ILE B 34 3.09 -14.37 -0.05
N VAL B 35 3.61 -13.64 0.93
CA VAL B 35 3.71 -12.20 0.87
C VAL B 35 5.08 -11.79 1.42
N GLY B 36 5.90 -11.18 0.57
CA GLY B 36 7.22 -10.77 0.98
C GLY B 36 7.34 -9.28 1.21
N ARG B 37 7.79 -8.91 2.39
CA ARG B 37 7.96 -7.50 2.74
C ARG B 37 9.44 -7.27 3.07
N PRO B 38 9.98 -6.10 2.70
CA PRO B 38 11.39 -5.81 2.97
C PRO B 38 11.77 -6.13 4.42
N ARG B 39 12.97 -6.66 4.62
CA ARG B 39 13.43 -6.99 5.97
C ARG B 39 13.79 -5.76 6.80
N HIS B 40 13.89 -4.61 6.14
CA HIS B 40 14.16 -3.32 6.79
C HIS B 40 14.00 -2.16 5.81
N GLN B 41 14.16 -0.94 6.31
CA GLN B 41 13.98 0.23 5.45
C GLN B 41 14.83 0.22 4.18
N GLY B 42 16.15 0.14 4.35
CA GLY B 42 17.06 0.15 3.21
C GLY B 42 16.62 -0.65 1.99
N VAL B 43 15.61 -1.47 2.16
CA VAL B 43 15.14 -2.29 1.07
C VAL B 43 13.97 -1.59 0.40
N MET B 44 13.41 -0.59 1.08
CA MET B 44 12.28 0.13 0.52
C MET B 44 12.69 1.33 -0.33
N VAL B 45 13.89 1.85 -0.13
CA VAL B 45 14.32 3.02 -0.87
C VAL B 45 13.93 2.98 -2.33
N GLY B 46 14.54 2.07 -3.08
CA GLY B 46 14.24 1.98 -4.51
C GLY B 46 12.92 1.32 -4.88
N MET B 47 12.27 0.70 -3.89
CA MET B 47 10.97 0.02 -4.13
C MET B 47 10.18 0.71 -5.25
N GLY B 48 10.27 2.03 -5.29
CA GLY B 48 9.55 2.78 -6.30
C GLY B 48 8.11 2.94 -5.85
N GLN B 49 7.94 3.00 -4.53
CA GLN B 49 6.65 3.18 -3.82
C GLN B 49 5.72 1.98 -3.54
N LYS B 50 6.00 0.82 -4.12
CA LYS B 50 5.16 -0.35 -3.85
C LYS B 50 5.46 -0.95 -2.47
N ASP B 51 4.43 -1.42 -1.77
CA ASP B 51 4.58 -1.99 -0.43
C ASP B 51 5.17 -3.40 -0.31
N SER B 52 4.47 -4.39 -0.86
CA SER B 52 4.90 -5.77 -0.80
C SER B 52 5.18 -6.40 -2.16
N TYR B 53 5.26 -7.72 -2.16
CA TYR B 53 5.49 -8.54 -3.35
C TYR B 53 4.72 -9.83 -3.16
N VAL B 54 4.22 -10.44 -4.24
CA VAL B 54 3.45 -11.67 -4.04
C VAL B 54 3.68 -12.81 -5.05
N GLY B 55 3.47 -14.03 -4.56
CA GLY B 55 3.64 -15.21 -5.39
C GLY B 55 5.05 -15.34 -5.96
N ASP B 56 5.12 -15.73 -7.23
CA ASP B 56 6.41 -15.90 -7.89
C ASP B 56 7.28 -14.65 -7.77
N GLU B 57 6.65 -13.49 -7.76
CA GLU B 57 7.40 -12.25 -7.68
C GLU B 57 8.05 -12.13 -6.31
N ALA B 58 7.43 -12.77 -5.34
CA ALA B 58 7.93 -12.71 -3.99
C ALA B 58 9.00 -13.78 -3.77
N GLN B 59 9.18 -14.65 -4.75
CA GLN B 59 10.19 -15.70 -4.66
C GLN B 59 11.54 -15.13 -5.00
N SER B 60 11.80 -14.98 -6.29
CA SER B 60 13.06 -14.43 -6.79
C SER B 60 13.67 -13.25 -5.99
N LYS B 61 12.85 -12.54 -5.23
CA LYS B 61 13.33 -11.40 -4.45
C LYS B 61 13.41 -11.75 -2.97
N ARG B 62 13.80 -12.98 -2.67
CA ARG B 62 13.64 -13.54 -1.34
C ARG B 62 14.44 -12.76 -0.31
N GLY B 63 15.75 -12.66 -0.54
CA GLY B 63 16.67 -12.14 0.46
C GLY B 63 16.26 -10.76 0.96
N ILE B 64 15.74 -9.94 0.06
CA ILE B 64 15.38 -8.57 0.39
C ILE B 64 14.05 -8.51 1.13
N LEU B 65 13.31 -9.61 1.11
CA LEU B 65 12.01 -9.66 1.76
C LEU B 65 11.97 -10.57 2.96
N THR B 66 10.81 -10.63 3.60
CA THR B 66 10.53 -11.46 4.76
C THR B 66 9.26 -12.09 4.29
N LEU B 67 9.26 -13.38 3.98
CA LEU B 67 8.02 -14.00 3.46
C LEU B 67 7.10 -14.50 4.56
N LYS B 68 5.81 -14.38 4.30
CA LYS B 68 4.82 -14.82 5.25
C LYS B 68 3.69 -15.55 4.55
N TYR B 69 3.17 -16.57 5.21
CA TYR B 69 2.08 -17.34 4.67
C TYR B 69 0.80 -16.94 5.41
N PRO B 70 -0.11 -16.26 4.71
CA PRO B 70 -1.36 -15.80 5.28
C PRO B 70 -2.27 -16.97 5.68
N ILE B 71 -1.93 -18.17 5.19
CA ILE B 71 -2.72 -19.36 5.49
C ILE B 71 -1.94 -20.36 6.30
N GLU B 72 -2.52 -20.79 7.41
CA GLU B 72 -1.88 -21.77 8.29
C GLU B 72 -2.73 -23.05 8.46
N HIC B 73 -2.22 -24.18 7.99
CA HIC B 73 -2.90 -25.46 8.10
C HIC B 73 -4.23 -25.36 7.41
O HIC B 73 -5.14 -26.13 7.68
CB HIC B 73 -3.16 -25.82 9.56
CG HIC B 73 -1.94 -25.87 10.43
ND1 HIC B 73 -1.95 -25.47 11.74
CD2 HIC B 73 -0.67 -26.28 10.16
CE1 HIC B 73 -0.75 -25.62 12.26
NE2 HIC B 73 0.05 -26.12 11.32
CZ HIC B 73 1.47 -26.37 11.53
N GLY B 74 -4.35 -24.39 6.52
CA GLY B 74 -5.61 -24.22 5.81
C GLY B 74 -6.50 -23.03 6.20
N ILE B 75 -6.61 -22.75 7.49
CA ILE B 75 -7.42 -21.64 7.99
C ILE B 75 -6.65 -20.37 7.78
N ILE B 76 -7.30 -19.31 7.33
CA ILE B 76 -6.57 -18.05 7.14
C ILE B 76 -6.24 -17.45 8.50
N THR B 77 -5.03 -16.96 8.67
CA THR B 77 -4.67 -16.38 9.97
C THR B 77 -4.11 -14.95 9.86
N ASN B 78 -3.32 -14.68 8.82
CA ASN B 78 -2.75 -13.36 8.60
C ASN B 78 -3.58 -12.60 7.57
N TRP B 79 -4.80 -12.23 7.96
CA TRP B 79 -5.75 -11.52 7.10
C TRP B 79 -5.24 -10.43 6.18
N ASP B 80 -4.79 -9.32 6.75
CA ASP B 80 -4.32 -8.21 5.92
C ASP B 80 -3.42 -8.67 4.80
N ASP B 81 -2.80 -9.85 4.95
CA ASP B 81 -1.95 -10.38 3.89
C ASP B 81 -2.76 -11.25 2.94
N MET B 82 -3.89 -11.76 3.43
CA MET B 82 -4.75 -12.56 2.59
C MET B 82 -5.36 -11.53 1.68
N GLU B 83 -5.61 -10.35 2.24
CA GLU B 83 -6.19 -9.28 1.47
C GLU B 83 -5.23 -8.93 0.33
N LYS B 84 -3.92 -8.90 0.62
CA LYS B 84 -2.93 -8.58 -0.40
C LYS B 84 -2.79 -9.68 -1.42
N ILE B 85 -3.25 -10.88 -1.06
CA ILE B 85 -3.19 -12.00 -1.99
C ILE B 85 -4.35 -11.90 -2.94
N TRP B 86 -5.54 -11.87 -2.38
CA TRP B 86 -6.72 -11.78 -3.20
C TRP B 86 -6.59 -10.68 -4.23
N HIS B 87 -6.16 -9.49 -3.80
CA HIS B 87 -5.98 -8.39 -4.73
C HIS B 87 -5.13 -8.86 -5.90
N HIS B 88 -3.85 -9.08 -5.62
CA HIS B 88 -2.89 -9.54 -6.61
C HIS B 88 -3.48 -10.58 -7.58
N THR B 89 -4.28 -11.48 -7.04
CA THR B 89 -4.92 -12.52 -7.85
C THR B 89 -5.85 -11.87 -8.88
N PHE B 90 -6.91 -11.24 -8.35
CA PHE B 90 -7.92 -10.55 -9.14
C PHE B 90 -7.34 -9.72 -10.26
N TYR B 91 -6.49 -8.76 -9.88
CA TYR B 91 -5.88 -7.83 -10.83
C TYR B 91 -4.60 -8.28 -11.54
N ASN B 92 -3.64 -8.84 -10.82
CA ASN B 92 -2.41 -9.23 -11.48
C ASN B 92 -2.43 -10.62 -12.13
N GLU B 93 -3.20 -11.56 -11.58
CA GLU B 93 -3.25 -12.90 -12.17
C GLU B 93 -4.33 -13.06 -13.24
N LEU B 94 -5.58 -12.81 -12.86
CA LEU B 94 -6.70 -12.94 -13.80
C LEU B 94 -6.90 -11.70 -14.69
N ARG B 95 -6.32 -10.57 -14.27
CA ARG B 95 -6.41 -9.27 -14.94
C ARG B 95 -7.87 -8.87 -15.08
N VAL B 96 -8.59 -8.95 -13.97
CA VAL B 96 -10.00 -8.65 -13.96
C VAL B 96 -10.39 -7.70 -12.83
N ALA B 97 -11.60 -7.16 -12.91
CA ALA B 97 -12.08 -6.23 -11.88
C ALA B 97 -13.09 -6.89 -10.93
N PRO B 98 -12.62 -7.34 -9.77
CA PRO B 98 -13.45 -7.99 -8.77
C PRO B 98 -14.87 -7.43 -8.74
N GLU B 99 -14.96 -6.11 -8.66
CA GLU B 99 -16.22 -5.40 -8.58
C GLU B 99 -17.28 -5.84 -9.57
N GLU B 100 -16.83 -6.35 -10.72
CA GLU B 100 -17.77 -6.79 -11.74
C GLU B 100 -17.72 -8.28 -12.07
N HIS B 101 -17.48 -9.11 -11.05
CA HIS B 101 -17.41 -10.57 -11.25
C HIS B 101 -17.88 -11.42 -10.08
N PRO B 102 -18.77 -12.39 -10.35
CA PRO B 102 -19.20 -13.21 -9.22
C PRO B 102 -17.92 -13.89 -8.75
N THR B 103 -17.91 -14.41 -7.54
CA THR B 103 -16.71 -15.05 -7.07
C THR B 103 -16.91 -16.16 -6.07
N LEU B 104 -16.58 -17.38 -6.50
CA LEU B 104 -16.69 -18.57 -5.69
C LEU B 104 -15.40 -18.78 -4.90
N LEU B 105 -15.50 -18.67 -3.58
CA LEU B 105 -14.37 -18.85 -2.68
C LEU B 105 -14.44 -20.24 -2.06
N THR B 106 -13.34 -20.65 -1.44
CA THR B 106 -13.27 -21.96 -0.83
C THR B 106 -12.76 -21.81 0.58
N GLU B 107 -13.40 -22.53 1.49
CA GLU B 107 -13.08 -22.55 2.90
C GLU B 107 -12.66 -23.98 3.28
N ALA B 108 -11.63 -24.12 4.10
CA ALA B 108 -11.22 -25.46 4.52
C ALA B 108 -12.29 -26.01 5.47
N PRO B 109 -12.43 -27.35 5.55
CA PRO B 109 -13.45 -27.88 6.46
C PRO B 109 -13.26 -27.26 7.84
N LEU B 110 -14.37 -27.08 8.55
CA LEU B 110 -14.30 -26.52 9.89
C LEU B 110 -13.82 -25.07 9.86
N ASN B 111 -14.28 -24.36 8.86
CA ASN B 111 -13.95 -22.96 8.71
C ASN B 111 -14.79 -22.32 9.80
N PRO B 112 -14.15 -21.56 10.68
CA PRO B 112 -14.71 -20.82 11.83
C PRO B 112 -15.72 -19.80 11.38
N LYS B 113 -16.78 -19.64 12.16
CA LYS B 113 -17.82 -18.67 11.83
C LYS B 113 -17.27 -17.30 11.42
N ALA B 114 -16.42 -16.72 12.27
CA ALA B 114 -15.83 -15.40 12.03
C ALA B 114 -15.00 -15.32 10.76
N ASN B 115 -14.25 -16.38 10.44
CA ASN B 115 -13.40 -16.42 9.24
C ASN B 115 -14.26 -16.38 8.01
N ARG B 116 -15.36 -17.12 8.06
CA ARG B 116 -16.27 -17.18 6.94
C ARG B 116 -16.77 -15.76 6.68
N GLU B 117 -17.28 -15.11 7.72
CA GLU B 117 -17.81 -13.74 7.65
C GLU B 117 -16.73 -12.69 7.29
N LYS B 118 -15.61 -12.70 7.99
CA LYS B 118 -14.52 -11.77 7.71
C LYS B 118 -14.24 -11.78 6.20
N MET B 119 -14.01 -12.98 5.68
CA MET B 119 -13.73 -13.19 4.26
C MET B 119 -14.84 -12.62 3.40
N THR B 120 -16.08 -12.97 3.76
CA THR B 120 -17.28 -12.46 3.08
C THR B 120 -17.09 -10.95 2.97
N GLN B 121 -17.17 -10.30 4.12
CA GLN B 121 -17.00 -8.86 4.27
C GLN B 121 -15.99 -8.30 3.25
N ILE B 122 -14.73 -8.67 3.45
CA ILE B 122 -13.63 -8.22 2.61
C ILE B 122 -13.93 -8.27 1.12
N MET B 123 -14.57 -9.36 0.67
CA MET B 123 -14.88 -9.49 -0.75
C MET B 123 -15.83 -8.39 -1.23
N PHE B 124 -16.94 -8.19 -0.52
CA PHE B 124 -17.93 -7.16 -0.88
C PHE B 124 -17.56 -5.71 -0.53
N GLU B 125 -17.13 -5.50 0.70
CA GLU B 125 -16.79 -4.16 1.15
C GLU B 125 -15.46 -3.62 0.66
N THR B 126 -14.46 -4.48 0.55
CA THR B 126 -13.15 -4.02 0.10
C THR B 126 -13.04 -4.23 -1.39
N PHE B 127 -13.49 -5.39 -1.85
CA PHE B 127 -13.41 -5.72 -3.26
C PHE B 127 -14.68 -5.41 -4.07
N ASN B 128 -15.76 -5.07 -3.37
CA ASN B 128 -17.04 -4.76 -4.00
C ASN B 128 -17.38 -5.67 -5.17
N VAL B 129 -17.43 -6.98 -4.95
CA VAL B 129 -17.80 -7.85 -6.04
C VAL B 129 -19.31 -7.75 -6.16
N PRO B 130 -19.84 -8.11 -7.33
CA PRO B 130 -21.27 -8.08 -7.63
C PRO B 130 -21.99 -9.13 -6.78
N ALA B 131 -21.34 -10.27 -6.63
CA ALA B 131 -21.88 -11.37 -5.84
C ALA B 131 -20.74 -12.31 -5.64
N MET B 132 -20.84 -13.14 -4.60
CA MET B 132 -19.80 -14.10 -4.33
C MET B 132 -20.35 -15.21 -3.44
N TYR B 133 -19.70 -16.37 -3.48
CA TYR B 133 -20.10 -17.56 -2.72
C TYR B 133 -18.88 -18.25 -2.06
N VAL B 134 -19.13 -19.15 -1.12
CA VAL B 134 -18.05 -19.88 -0.46
C VAL B 134 -18.38 -21.37 -0.45
N ALA B 135 -17.43 -22.18 -0.92
CA ALA B 135 -17.56 -23.62 -0.97
C ALA B 135 -16.50 -24.23 -0.08
N ILE B 136 -16.82 -25.35 0.57
CA ILE B 136 -15.85 -26.06 1.44
C ILE B 136 -14.86 -26.80 0.54
N GLN B 137 -13.60 -26.40 0.66
CA GLN B 137 -12.49 -26.94 -0.13
C GLN B 137 -12.71 -28.42 -0.43
N ALA B 138 -13.40 -29.14 0.46
CA ALA B 138 -13.63 -30.57 0.26
C ALA B 138 -14.73 -30.88 -0.76
N VAL B 139 -15.97 -30.56 -0.39
CA VAL B 139 -17.15 -30.81 -1.23
C VAL B 139 -16.90 -30.69 -2.75
N LEU B 140 -16.21 -29.62 -3.14
CA LEU B 140 -15.94 -29.41 -4.54
C LEU B 140 -15.25 -30.62 -5.05
N SER B 141 -14.07 -30.92 -4.53
CA SER B 141 -13.31 -32.12 -4.94
C SER B 141 -14.22 -33.27 -5.36
N LEU B 142 -15.20 -33.54 -4.51
CA LEU B 142 -16.18 -34.61 -4.68
C LEU B 142 -17.13 -34.31 -5.83
N TYR B 143 -17.70 -33.12 -5.84
CA TYR B 143 -18.60 -32.73 -6.93
C TYR B 143 -17.83 -32.85 -8.26
N ALA B 144 -16.57 -32.46 -8.18
CA ALA B 144 -15.69 -32.47 -9.33
C ALA B 144 -15.77 -33.81 -10.04
N SER B 145 -15.81 -34.89 -9.26
CA SER B 145 -15.88 -36.22 -9.84
C SER B 145 -17.29 -36.69 -10.11
N GLY B 146 -18.27 -35.81 -9.99
CA GLY B 146 -19.63 -36.22 -10.26
C GLY B 146 -20.32 -37.06 -9.20
N ARG B 147 -19.95 -36.85 -7.94
CA ARG B 147 -20.55 -37.57 -6.81
C ARG B 147 -21.13 -36.57 -5.82
N THR B 148 -22.30 -36.88 -5.26
CA THR B 148 -22.88 -35.99 -4.27
C THR B 148 -22.75 -36.64 -2.89
N THR B 149 -21.97 -37.71 -2.84
CA THR B 149 -21.70 -38.39 -1.59
C THR B 149 -20.38 -39.13 -1.71
N GLY B 150 -19.68 -39.32 -0.59
CA GLY B 150 -18.40 -40.01 -0.59
C GLY B 150 -17.56 -39.42 0.52
N ILE B 151 -16.43 -40.04 0.84
CA ILE B 151 -15.56 -39.53 1.90
C ILE B 151 -14.21 -39.06 1.36
N VAL B 152 -14.15 -37.80 0.93
CA VAL B 152 -12.95 -37.23 0.34
C VAL B 152 -11.80 -37.03 1.31
N LEU B 153 -10.57 -37.17 0.78
CA LEU B 153 -9.30 -37.04 1.52
C LEU B 153 -8.49 -35.85 1.01
N ASP B 154 -8.73 -34.67 1.55
CA ASP B 154 -8.00 -33.50 1.07
C ASP B 154 -6.65 -33.57 1.75
N SER B 155 -5.58 -33.59 0.94
CA SER B 155 -4.18 -33.62 1.40
C SER B 155 -3.26 -32.70 0.56
N GLY B 156 -3.16 -31.43 0.97
CA GLY B 156 -2.37 -30.43 0.24
C GLY B 156 -0.94 -30.20 0.68
N ASP B 157 -0.62 -28.99 1.10
CA ASP B 157 0.73 -28.70 1.52
C ASP B 157 0.71 -28.50 3.00
N GLY B 158 -0.36 -27.89 3.45
CA GLY B 158 -0.46 -27.65 4.86
C GLY B 158 -1.16 -28.78 5.59
N VAL B 159 -2.47 -28.87 5.39
CA VAL B 159 -3.33 -29.82 6.06
C VAL B 159 -3.74 -31.12 5.40
N THR B 160 -4.23 -32.04 6.20
CA THR B 160 -4.73 -33.32 5.72
C THR B 160 -6.11 -33.49 6.33
N HIS B 161 -7.13 -33.52 5.49
CA HIS B 161 -8.50 -33.66 5.98
C HIS B 161 -9.28 -34.84 5.38
N ASN B 162 -9.99 -35.58 6.23
CA ASN B 162 -10.82 -36.70 5.80
C ASN B 162 -12.25 -36.22 5.88
N VAL B 163 -12.96 -36.34 4.79
CA VAL B 163 -14.30 -35.83 4.86
C VAL B 163 -15.34 -36.77 4.32
N PRO B 164 -16.40 -37.02 5.11
CA PRO B 164 -17.55 -37.89 4.82
C PRO B 164 -18.66 -36.92 4.39
N ILE B 165 -19.47 -37.32 3.42
CA ILE B 165 -20.50 -36.42 2.89
C ILE B 165 -21.72 -37.18 2.35
N TYR B 166 -22.91 -36.81 2.83
CA TYR B 166 -24.15 -37.45 2.36
C TYR B 166 -25.09 -36.38 1.83
N GLU B 167 -25.57 -36.54 0.60
CA GLU B 167 -26.51 -35.63 -0.02
C GLU B 167 -26.18 -34.11 0.10
N GLY B 168 -24.94 -33.73 -0.23
CA GLY B 168 -24.53 -32.31 -0.20
C GLY B 168 -23.78 -31.72 0.99
N TYR B 169 -24.26 -32.04 2.19
CA TYR B 169 -23.66 -31.56 3.44
C TYR B 169 -22.50 -32.42 3.92
N ALA B 170 -21.56 -31.78 4.60
CA ALA B 170 -20.43 -32.46 5.19
C ALA B 170 -20.90 -32.80 6.61
N LEU B 171 -20.07 -33.52 7.36
CA LEU B 171 -20.42 -33.87 8.72
C LEU B 171 -19.28 -33.48 9.65
N PRO B 172 -19.36 -32.27 10.24
CA PRO B 172 -18.34 -31.75 11.15
C PRO B 172 -18.08 -32.62 12.42
N HIS B 173 -18.93 -33.63 12.62
CA HIS B 173 -18.78 -34.51 13.77
C HIS B 173 -17.89 -35.69 13.41
N ALA B 174 -17.83 -36.01 12.11
CA ALA B 174 -17.03 -37.13 11.63
C ALA B 174 -15.75 -36.66 10.95
N ILE B 175 -15.42 -35.38 11.12
CA ILE B 175 -14.24 -34.76 10.52
C ILE B 175 -13.04 -34.85 11.46
N MET B 176 -11.93 -35.37 10.92
CA MET B 176 -10.71 -35.54 11.69
C MET B 176 -9.51 -34.96 10.96
N ARG B 177 -8.75 -34.09 11.64
CA ARG B 177 -7.58 -33.47 11.00
C ARG B 177 -6.23 -34.15 11.23
N LEU B 178 -5.32 -33.94 10.26
CA LEU B 178 -3.95 -34.44 10.29
C LEU B 178 -2.97 -33.37 9.82
N ASP B 179 -2.38 -32.64 10.77
CA ASP B 179 -1.40 -31.57 10.49
C ASP B 179 -0.08 -32.13 9.88
N LEU B 180 -0.22 -33.12 9.03
CA LEU B 180 0.92 -33.78 8.38
C LEU B 180 0.57 -33.83 6.93
N ALA B 181 1.41 -33.24 6.10
CA ALA B 181 1.13 -33.19 4.68
C ALA B 181 2.38 -32.88 3.85
N GLY B 182 2.16 -32.22 2.73
CA GLY B 182 3.22 -31.86 1.80
C GLY B 182 4.50 -31.31 2.43
N ARG B 183 4.43 -30.10 2.97
CA ARG B 183 5.59 -29.49 3.57
C ARG B 183 6.30 -30.56 4.36
N ASP B 184 5.63 -31.03 5.41
CA ASP B 184 6.17 -32.06 6.27
C ASP B 184 6.92 -33.13 5.48
N LEU B 185 6.26 -33.73 4.49
CA LEU B 185 6.87 -34.78 3.68
C LEU B 185 8.11 -34.33 2.94
N THR B 186 8.02 -33.20 2.27
CA THR B 186 9.17 -32.66 1.56
C THR B 186 10.35 -32.61 2.54
N ASP B 187 10.08 -32.04 3.73
CA ASP B 187 11.05 -31.85 4.83
C ASP B 187 11.74 -33.11 5.36
N TYR B 188 10.96 -34.18 5.59
CA TYR B 188 11.50 -35.45 6.08
C TYR B 188 12.42 -35.96 5.00
N LEU B 189 11.90 -35.99 3.78
CA LEU B 189 12.64 -36.43 2.63
C LEU B 189 14.06 -35.88 2.77
N MET B 190 14.16 -34.65 3.28
CA MET B 190 15.45 -34.00 3.50
C MET B 190 16.17 -34.71 4.61
N LYS B 191 15.53 -34.76 5.78
CA LYS B 191 16.10 -35.42 6.94
C LYS B 191 16.68 -36.74 6.50
N ILE B 192 15.84 -37.57 5.89
CA ILE B 192 16.27 -38.89 5.43
C ILE B 192 17.36 -38.88 4.35
N LEU B 193 17.44 -37.80 3.55
CA LEU B 193 18.48 -37.72 2.52
C LEU B 193 19.76 -37.24 3.17
N THR B 194 19.63 -36.33 4.12
CA THR B 194 20.80 -35.83 4.80
C THR B 194 21.52 -36.99 5.52
N GLU B 195 20.73 -37.79 6.26
CA GLU B 195 21.28 -38.92 6.97
C GLU B 195 22.00 -39.71 5.92
N ARG B 196 21.42 -39.72 4.71
CA ARG B 196 21.98 -40.46 3.59
C ARG B 196 23.35 -39.93 3.21
N GLY B 197 23.60 -38.66 3.55
CA GLY B 197 24.90 -38.06 3.26
C GLY B 197 24.90 -36.74 2.53
N TYR B 198 23.87 -36.56 1.73
CA TYR B 198 23.71 -35.37 0.91
C TYR B 198 23.56 -34.24 1.86
N SER B 199 23.50 -33.02 1.33
CA SER B 199 23.39 -31.82 2.17
C SER B 199 22.42 -30.82 1.57
N PHE B 200 21.20 -30.80 2.10
CA PHE B 200 20.18 -29.87 1.63
C PHE B 200 19.87 -28.81 2.68
N VAL B 201 20.51 -27.65 2.55
CA VAL B 201 20.43 -26.61 3.56
C VAL B 201 19.77 -25.35 3.02
N THR B 202 20.44 -24.70 2.08
CA THR B 202 19.90 -23.49 1.46
C THR B 202 18.45 -23.67 1.05
N THR B 203 17.72 -22.57 0.96
CA THR B 203 16.33 -22.60 0.53
C THR B 203 16.19 -23.15 -0.89
N ALA B 204 17.29 -23.09 -1.64
CA ALA B 204 17.30 -23.56 -3.02
C ALA B 204 17.25 -25.08 -3.08
N GLU B 205 17.99 -25.74 -2.20
CA GLU B 205 17.99 -27.18 -2.19
C GLU B 205 16.67 -27.61 -1.65
N ARG B 206 16.06 -26.80 -0.79
CA ARG B 206 14.76 -27.17 -0.26
C ARG B 206 13.85 -27.36 -1.48
N GLU B 207 13.85 -26.41 -2.40
CA GLU B 207 13.01 -26.53 -3.59
C GLU B 207 13.47 -27.64 -4.53
N ILE B 208 14.61 -28.26 -4.21
CA ILE B 208 15.15 -29.33 -5.04
C ILE B 208 14.67 -30.68 -4.54
N VAL B 209 14.46 -30.79 -3.23
CA VAL B 209 13.97 -32.00 -2.61
C VAL B 209 12.46 -32.12 -2.89
N ARG B 210 11.80 -30.99 -3.19
CA ARG B 210 10.38 -31.04 -3.51
C ARG B 210 10.24 -31.57 -4.92
N ASP B 211 11.11 -31.10 -5.82
CA ASP B 211 11.13 -31.56 -7.22
C ASP B 211 11.50 -33.03 -7.18
N ILE B 212 12.60 -33.33 -6.48
CA ILE B 212 13.10 -34.70 -6.31
C ILE B 212 11.96 -35.60 -5.89
N LYS B 213 11.36 -35.22 -4.78
CA LYS B 213 10.24 -35.91 -4.19
C LYS B 213 9.18 -36.07 -5.27
N GLU B 214 8.66 -34.94 -5.71
CA GLU B 214 7.62 -34.83 -6.71
C GLU B 214 7.64 -35.88 -7.82
N LYS B 215 8.81 -36.07 -8.43
CA LYS B 215 8.97 -36.99 -9.55
C LYS B 215 9.50 -38.46 -9.35
N LEU B 216 10.18 -38.75 -8.25
CA LEU B 216 10.69 -40.10 -8.04
C LEU B 216 10.12 -40.72 -6.79
N CYS B 217 8.91 -40.32 -6.42
CA CYS B 217 8.30 -40.86 -5.22
C CYS B 217 6.98 -41.60 -5.44
N TYR B 218 6.76 -42.61 -4.58
CA TYR B 218 5.61 -43.49 -4.64
C TYR B 218 5.35 -44.20 -3.30
N VAL B 219 4.20 -44.90 -3.23
CA VAL B 219 3.75 -45.65 -2.05
C VAL B 219 3.68 -47.18 -2.21
N ALA B 220 4.62 -47.84 -1.57
CA ALA B 220 4.75 -49.29 -1.64
C ALA B 220 3.50 -50.03 -1.20
N LEU B 221 3.28 -51.19 -1.79
CA LEU B 221 2.14 -51.97 -1.40
C LEU B 221 2.53 -52.54 -0.04
N ASP B 222 3.54 -53.41 -0.05
CA ASP B 222 4.03 -54.04 1.19
C ASP B 222 5.36 -53.39 1.54
N PHE B 223 5.28 -52.38 2.39
CA PHE B 223 6.44 -51.62 2.83
C PHE B 223 7.71 -52.43 3.10
N GLU B 224 7.67 -53.27 4.14
CA GLU B 224 8.83 -54.07 4.51
C GLU B 224 9.32 -54.99 3.41
N ASN B 225 8.51 -55.17 2.37
CA ASN B 225 8.90 -56.01 1.24
C ASN B 225 9.77 -55.13 0.38
N GLU B 226 9.17 -54.04 -0.09
CA GLU B 226 9.86 -53.07 -0.94
C GLU B 226 11.10 -52.59 -0.16
N MET B 227 10.94 -52.45 1.14
CA MET B 227 12.03 -52.00 2.00
C MET B 227 13.17 -52.99 1.94
N ALA B 228 12.85 -54.24 2.25
CA ALA B 228 13.82 -55.33 2.25
C ALA B 228 14.43 -55.52 0.86
N THR B 229 13.60 -55.37 -0.16
CA THR B 229 14.07 -55.52 -1.53
C THR B 229 14.81 -54.27 -1.97
N ALA B 230 14.60 -53.17 -1.27
CA ALA B 230 15.26 -51.94 -1.61
C ALA B 230 16.74 -51.95 -1.21
N ALA B 231 17.03 -52.60 -0.09
CA ALA B 231 18.40 -52.66 0.44
C ALA B 231 19.18 -53.93 0.10
N SER B 232 18.52 -54.91 -0.51
CA SER B 232 19.19 -56.15 -0.87
C SER B 232 19.72 -56.08 -2.29
N SER B 233 18.93 -55.52 -3.20
CA SER B 233 19.32 -55.39 -4.60
C SER B 233 19.08 -53.95 -5.08
N SER B 234 20.06 -53.38 -5.79
CA SER B 234 19.96 -52.00 -6.26
C SER B 234 18.88 -51.82 -7.33
N SER B 235 18.10 -52.87 -7.57
CA SER B 235 17.07 -52.81 -8.61
C SER B 235 16.05 -51.69 -8.51
N LEU B 236 15.88 -51.09 -7.33
CA LEU B 236 14.89 -50.04 -7.17
C LEU B 236 15.45 -48.64 -7.03
N GLU B 237 16.69 -48.42 -7.43
CA GLU B 237 17.30 -47.09 -7.31
C GLU B 237 16.91 -46.24 -8.53
N LYS B 238 17.21 -44.94 -8.46
CA LYS B 238 16.94 -43.98 -9.55
C LYS B 238 17.92 -42.88 -9.25
N SER B 239 18.22 -42.03 -10.21
CA SER B 239 19.18 -40.97 -9.91
C SER B 239 18.62 -39.62 -10.40
N TYR B 240 18.96 -38.53 -9.70
CA TYR B 240 18.51 -37.17 -10.06
C TYR B 240 19.68 -36.17 -10.30
N GLU B 241 19.54 -35.32 -11.31
CA GLU B 241 20.55 -34.32 -11.65
C GLU B 241 20.15 -32.92 -11.21
N LEU B 242 20.98 -32.33 -10.36
CA LEU B 242 20.75 -30.99 -9.85
C LEU B 242 21.07 -29.98 -10.98
N PRO B 243 20.79 -28.68 -10.76
CA PRO B 243 21.04 -27.63 -11.76
C PRO B 243 22.47 -27.49 -12.29
N ASP B 244 23.46 -27.86 -11.48
CA ASP B 244 24.86 -27.74 -11.87
C ASP B 244 25.55 -29.02 -12.35
N GLY B 245 24.81 -29.85 -13.07
CA GLY B 245 25.33 -31.08 -13.61
C GLY B 245 25.68 -32.14 -12.59
N GLN B 246 25.40 -31.86 -11.32
CA GLN B 246 25.71 -32.79 -10.25
C GLN B 246 24.58 -33.79 -10.04
N VAL B 247 24.95 -35.06 -9.93
CA VAL B 247 23.99 -36.15 -9.76
C VAL B 247 23.89 -36.72 -8.34
N ILE B 248 22.66 -37.03 -7.94
CA ILE B 248 22.38 -37.63 -6.63
C ILE B 248 21.59 -38.94 -6.88
N THR B 249 21.46 -39.78 -5.87
CA THR B 249 20.72 -40.99 -6.09
C THR B 249 19.84 -41.37 -4.91
N ILE B 250 18.52 -41.30 -5.13
CA ILE B 250 17.54 -41.62 -4.12
C ILE B 250 17.40 -43.13 -4.00
N GLY B 251 17.57 -43.63 -2.78
CA GLY B 251 17.43 -45.06 -2.55
C GLY B 251 16.01 -45.46 -2.21
N ASN B 252 15.81 -45.99 -1.00
CA ASN B 252 14.47 -46.40 -0.54
C ASN B 252 13.79 -45.14 -0.07
N GLU B 253 14.57 -44.07 -0.11
CA GLU B 253 14.09 -42.75 0.27
C GLU B 253 12.86 -42.49 -0.59
N ARG B 254 12.77 -43.18 -1.73
CA ARG B 254 11.65 -43.04 -2.67
C ARG B 254 10.27 -43.35 -2.12
N PHE B 255 10.18 -44.28 -1.18
CA PHE B 255 8.88 -44.63 -0.60
C PHE B 255 8.90 -44.48 0.91
N ARG B 256 10.08 -44.14 1.44
CA ARG B 256 10.26 -43.93 2.87
C ARG B 256 9.77 -42.54 3.25
N CYS B 257 9.66 -41.68 2.22
CA CYS B 257 9.20 -40.29 2.37
C CYS B 257 7.67 -40.17 2.48
N PRO B 258 6.93 -40.85 1.58
CA PRO B 258 5.46 -40.89 1.52
C PRO B 258 4.83 -41.92 2.47
N GLU B 259 5.69 -42.76 3.04
CA GLU B 259 5.28 -43.78 3.99
C GLU B 259 4.84 -43.12 5.29
N THR B 260 5.18 -41.86 5.46
CA THR B 260 4.82 -41.13 6.66
C THR B 260 3.33 -40.94 6.80
N LEU B 261 2.67 -40.56 5.73
CA LEU B 261 1.25 -40.34 5.78
C LEU B 261 0.56 -41.52 6.46
N PHE B 262 1.03 -42.72 6.15
CA PHE B 262 0.49 -43.93 6.75
C PHE B 262 1.12 -44.19 8.12
N GLN B 263 2.33 -43.67 8.34
CA GLN B 263 3.04 -43.87 9.60
C GLN B 263 3.60 -42.60 10.28
N PRO B 264 2.71 -41.67 10.69
CA PRO B 264 3.15 -40.43 11.34
C PRO B 264 4.19 -40.62 12.48
N SER B 265 4.32 -41.85 12.95
CA SER B 265 5.28 -42.15 14.00
C SER B 265 6.68 -41.86 13.47
N PHE B 266 6.76 -41.73 12.16
CA PHE B 266 8.03 -41.46 11.51
C PHE B 266 8.51 -40.06 11.84
N ILE B 267 7.63 -39.06 11.70
CA ILE B 267 8.05 -37.69 11.98
C ILE B 267 7.71 -37.34 13.42
N GLY B 268 7.41 -38.39 14.18
CA GLY B 268 7.09 -38.25 15.58
C GLY B 268 5.73 -37.66 15.80
N MET B 269 4.70 -38.44 15.51
CA MET B 269 3.36 -37.94 15.71
C MET B 269 2.46 -39.01 16.27
N GLU B 270 1.95 -38.75 17.46
CA GLU B 270 1.06 -39.67 18.14
C GLU B 270 -0.23 -39.87 17.34
N SER B 271 -0.37 -39.09 16.27
CA SER B 271 -1.56 -39.21 15.45
C SER B 271 -1.52 -40.53 14.68
N ALA B 272 -2.70 -40.97 14.23
CA ALA B 272 -2.84 -42.23 13.48
C ALA B 272 -2.69 -42.10 11.95
N GLY B 273 -2.22 -43.18 11.33
CA GLY B 273 -2.03 -43.22 9.88
C GLY B 273 -3.27 -42.80 9.10
N ILE B 274 -3.09 -41.97 8.09
CA ILE B 274 -4.22 -41.49 7.32
C ILE B 274 -5.16 -42.63 7.00
N HIS B 275 -4.60 -43.79 6.69
CA HIS B 275 -5.41 -44.96 6.38
C HIS B 275 -6.41 -45.23 7.52
N GLU B 276 -5.90 -45.23 8.76
CA GLU B 276 -6.71 -45.51 9.94
C GLU B 276 -7.62 -44.41 10.33
N THR B 277 -7.17 -43.18 10.13
CA THR B 277 -7.97 -42.01 10.43
C THR B 277 -9.02 -41.81 9.34
N THR B 278 -8.93 -42.65 8.33
CA THR B 278 -9.91 -42.61 7.26
C THR B 278 -11.06 -43.50 7.72
N TYR B 279 -10.71 -44.72 8.14
CA TYR B 279 -11.68 -45.68 8.66
C TYR B 279 -12.27 -45.11 9.96
N ASN B 280 -11.45 -44.39 10.71
CA ASN B 280 -11.89 -43.78 11.94
C ASN B 280 -13.14 -42.94 11.64
N SER B 281 -13.14 -42.28 10.48
CA SER B 281 -14.26 -41.44 10.07
C SER B 281 -15.49 -42.25 9.65
N ILE B 282 -15.30 -43.14 8.68
CA ILE B 282 -16.41 -43.97 8.21
C ILE B 282 -17.19 -44.47 9.39
N MET B 283 -16.49 -44.83 10.45
CA MET B 283 -17.14 -45.35 11.64
C MET B 283 -17.83 -44.37 12.54
N LYS B 284 -17.48 -43.10 12.44
CA LYS B 284 -18.14 -42.09 13.28
C LYS B 284 -19.44 -41.64 12.58
N CYS B 285 -19.87 -42.43 11.59
CA CYS B 285 -21.07 -42.13 10.78
C CYS B 285 -22.19 -43.19 10.85
N ASP B 286 -23.44 -42.72 10.81
CA ASP B 286 -24.63 -43.56 10.85
C ASP B 286 -24.44 -44.85 10.03
N ILE B 287 -24.70 -45.99 10.66
CA ILE B 287 -24.52 -47.31 10.05
C ILE B 287 -25.06 -47.59 8.63
N ASP B 288 -26.28 -47.14 8.33
CA ASP B 288 -26.88 -47.38 7.02
C ASP B 288 -26.18 -46.80 5.79
N ILE B 289 -25.38 -45.75 5.98
CA ILE B 289 -24.75 -45.09 4.84
C ILE B 289 -23.28 -45.36 4.58
N ARG B 290 -22.50 -45.59 5.64
CA ARG B 290 -21.08 -45.87 5.48
C ARG B 290 -20.89 -46.80 4.27
N LYS B 291 -21.84 -47.71 4.12
CA LYS B 291 -21.84 -48.68 3.03
C LYS B 291 -21.42 -48.01 1.73
N ASP B 292 -22.10 -46.91 1.41
CA ASP B 292 -21.88 -46.12 0.20
C ASP B 292 -20.48 -45.50 0.28
N LEU B 293 -20.20 -44.83 1.39
CA LEU B 293 -18.91 -44.19 1.66
C LEU B 293 -17.73 -45.11 1.41
N TYR B 294 -17.71 -46.23 2.13
CA TYR B 294 -16.64 -47.21 1.96
C TYR B 294 -16.36 -47.44 0.46
N ALA B 295 -17.38 -47.23 -0.37
CA ALA B 295 -17.28 -47.44 -1.82
C ALA B 295 -16.86 -46.20 -2.58
N ASN B 296 -17.19 -45.04 -2.05
CA ASN B 296 -16.85 -43.79 -2.73
C ASN B 296 -15.73 -42.96 -2.06
N ASN B 297 -14.56 -43.59 -1.87
CA ASN B 297 -13.40 -42.94 -1.25
C ASN B 297 -12.69 -42.22 -2.34
N VAL B 298 -12.80 -40.88 -2.33
CA VAL B 298 -12.16 -40.05 -3.35
C VAL B 298 -11.07 -39.17 -2.78
N MET B 299 -9.93 -39.15 -3.46
CA MET B 299 -8.81 -38.37 -3.00
C MET B 299 -8.51 -37.14 -3.83
N SER B 300 -8.12 -36.06 -3.15
CA SER B 300 -7.77 -34.83 -3.82
C SER B 300 -6.50 -34.33 -3.17
N GLY B 301 -5.93 -33.23 -3.68
CA GLY B 301 -4.72 -32.69 -3.09
C GLY B 301 -3.36 -33.12 -3.59
N GLY B 302 -2.54 -32.12 -3.91
CA GLY B 302 -1.20 -32.34 -4.43
C GLY B 302 -0.42 -33.44 -3.77
N THR B 303 -0.62 -33.65 -2.48
CA THR B 303 0.11 -34.70 -1.80
C THR B 303 -0.47 -36.09 -2.02
N THR B 304 -1.66 -36.21 -2.59
CA THR B 304 -2.20 -37.55 -2.80
C THR B 304 -1.84 -38.04 -4.20
N MET B 305 -0.89 -37.35 -4.83
CA MET B 305 -0.44 -37.70 -6.17
C MET B 305 0.62 -38.79 -6.20
N TYR B 306 1.16 -39.14 -5.03
CA TYR B 306 2.16 -40.21 -4.93
C TYR B 306 1.52 -41.43 -5.60
N PRO B 307 2.21 -42.06 -6.56
CA PRO B 307 1.74 -43.25 -7.30
C PRO B 307 1.66 -44.54 -6.45
N GLY B 308 0.51 -45.21 -6.41
CA GLY B 308 0.40 -46.42 -5.59
C GLY B 308 -0.26 -46.21 -4.22
N ILE B 309 -0.72 -44.98 -4.00
CA ILE B 309 -1.37 -44.55 -2.77
C ILE B 309 -2.77 -45.12 -2.78
N ALA B 310 -3.34 -45.21 -3.98
CA ALA B 310 -4.69 -45.73 -4.20
C ALA B 310 -4.53 -47.21 -3.99
N ASP B 311 -3.53 -47.76 -4.70
CA ASP B 311 -3.21 -49.17 -4.62
C ASP B 311 -2.78 -49.52 -3.19
N ARG B 312 -2.49 -48.51 -2.38
CA ARG B 312 -2.14 -48.81 -0.99
C ARG B 312 -3.36 -48.59 -0.06
N MET B 313 -4.24 -47.65 -0.44
CA MET B 313 -5.40 -47.34 0.39
C MET B 313 -6.35 -48.53 0.38
N GLN B 314 -6.42 -49.19 -0.76
CA GLN B 314 -7.26 -50.38 -0.86
C GLN B 314 -6.72 -51.30 0.24
N LYS B 315 -5.51 -51.79 0.02
CA LYS B 315 -4.82 -52.70 0.92
C LYS B 315 -5.24 -52.48 2.35
N GLU B 316 -5.16 -51.25 2.85
CA GLU B 316 -5.49 -50.95 4.23
C GLU B 316 -6.94 -50.78 4.60
N ILE B 317 -7.63 -49.79 4.07
CA ILE B 317 -9.04 -49.64 4.45
C ILE B 317 -9.77 -50.96 4.21
N THR B 318 -9.25 -51.76 3.30
CA THR B 318 -9.87 -53.03 3.04
C THR B 318 -9.81 -53.77 4.35
N ALA B 319 -8.60 -54.21 4.71
CA ALA B 319 -8.31 -54.98 5.91
C ALA B 319 -8.94 -54.48 7.19
N LEU B 320 -9.17 -53.18 7.29
CA LEU B 320 -9.75 -52.61 8.51
C LEU B 320 -11.26 -52.78 8.59
N ALA B 321 -11.89 -52.65 7.42
CA ALA B 321 -13.34 -52.76 7.28
C ALA B 321 -13.85 -54.22 7.25
N PRO B 322 -15.19 -54.40 7.27
CA PRO B 322 -15.78 -55.75 7.26
C PRO B 322 -15.28 -56.67 6.14
N SER B 323 -15.41 -57.95 6.37
CA SER B 323 -14.99 -58.98 5.43
C SER B 323 -15.82 -58.97 4.15
N THR B 324 -17.08 -58.56 4.31
CA THR B 324 -18.07 -58.50 3.25
C THR B 324 -18.13 -57.15 2.54
N MET B 325 -17.63 -56.13 3.21
CA MET B 325 -17.64 -54.75 2.71
C MET B 325 -16.97 -54.53 1.37
N LYS B 326 -17.55 -53.63 0.57
CA LYS B 326 -17.01 -53.26 -0.75
C LYS B 326 -16.41 -51.86 -0.76
N ILE B 327 -15.10 -51.81 -1.01
CA ILE B 327 -14.37 -50.55 -1.05
C ILE B 327 -14.07 -50.27 -2.50
N LYS B 328 -13.79 -49.01 -2.76
CA LYS B 328 -13.38 -48.53 -4.07
C LYS B 328 -12.83 -47.14 -3.87
N ILE B 329 -11.53 -46.99 -4.08
CA ILE B 329 -10.85 -45.71 -3.95
C ILE B 329 -10.89 -44.95 -5.29
N ILE B 330 -11.46 -43.74 -5.27
CA ILE B 330 -11.55 -42.91 -6.48
C ILE B 330 -10.40 -41.92 -6.53
N ALA B 331 -9.36 -42.25 -7.29
CA ALA B 331 -8.17 -41.42 -7.46
C ALA B 331 -8.08 -40.89 -8.87
N PRO B 332 -8.57 -39.65 -9.10
CA PRO B 332 -8.60 -38.93 -10.38
C PRO B 332 -7.27 -38.39 -10.86
N PRO B 333 -6.93 -38.63 -12.13
CA PRO B 333 -5.65 -38.12 -12.61
C PRO B 333 -5.40 -36.65 -12.23
N GLU B 334 -6.36 -35.78 -12.47
CA GLU B 334 -6.11 -34.39 -12.13
C GLU B 334 -6.55 -34.18 -10.70
N ARG B 335 -6.25 -35.16 -9.86
CA ARG B 335 -6.62 -35.09 -8.48
C ARG B 335 -5.96 -33.94 -7.78
N LYS B 336 -5.13 -33.19 -8.48
CA LYS B 336 -4.50 -32.04 -7.82
C LYS B 336 -5.42 -30.82 -7.93
N TYR B 337 -5.78 -30.44 -9.14
CA TYR B 337 -6.64 -29.29 -9.28
C TYR B 337 -8.07 -29.76 -9.20
N SER B 338 -8.32 -30.65 -8.25
CA SER B 338 -9.64 -31.14 -8.10
C SER B 338 -10.49 -30.04 -7.48
N VAL B 339 -10.16 -29.69 -6.24
CA VAL B 339 -10.92 -28.67 -5.53
C VAL B 339 -11.34 -27.59 -6.47
N TRP B 340 -10.38 -26.89 -7.05
CA TRP B 340 -10.72 -25.81 -7.95
C TRP B 340 -11.78 -26.24 -8.97
N ILE B 341 -11.54 -27.35 -9.65
CA ILE B 341 -12.49 -27.80 -10.65
C ILE B 341 -13.89 -27.74 -10.09
N GLY B 342 -14.13 -28.43 -8.99
CA GLY B 342 -15.46 -28.38 -8.40
C GLY B 342 -16.08 -26.97 -8.41
N GLY B 343 -15.38 -25.98 -7.89
CA GLY B 343 -15.94 -24.63 -7.86
C GLY B 343 -16.36 -24.12 -9.23
N SER B 344 -15.52 -24.39 -10.23
CA SER B 344 -15.78 -23.99 -11.61
C SER B 344 -17.13 -24.60 -11.96
N ILE B 345 -17.15 -25.92 -12.07
CA ILE B 345 -18.38 -26.64 -12.34
C ILE B 345 -19.51 -25.95 -11.59
N LEU B 346 -19.45 -26.03 -10.27
CA LEU B 346 -20.43 -25.45 -9.39
C LEU B 346 -20.99 -24.11 -9.89
N ALA B 347 -20.09 -23.16 -10.15
CA ALA B 347 -20.46 -21.82 -10.61
C ALA B 347 -21.09 -21.74 -12.02
N SER B 348 -20.72 -22.68 -12.89
CA SER B 348 -21.28 -22.71 -14.22
C SER B 348 -22.66 -23.35 -14.22
N LEU B 349 -23.18 -23.65 -13.03
CA LEU B 349 -24.49 -24.26 -12.93
C LEU B 349 -25.66 -23.29 -12.83
N SER B 350 -26.70 -23.64 -13.58
CA SER B 350 -27.97 -22.89 -13.63
C SER B 350 -28.53 -22.86 -12.20
N THR B 351 -28.79 -24.05 -11.65
CA THR B 351 -29.32 -24.21 -10.30
C THR B 351 -28.39 -23.62 -9.25
N PHE B 352 -27.31 -22.99 -9.69
CA PHE B 352 -26.32 -22.40 -8.78
C PHE B 352 -26.37 -20.87 -8.76
N GLN B 353 -26.92 -20.33 -9.83
CA GLN B 353 -27.06 -18.90 -9.96
C GLN B 353 -27.97 -18.39 -8.85
N GLN B 354 -29.11 -19.07 -8.69
CA GLN B 354 -30.08 -18.70 -7.66
C GLN B 354 -29.48 -18.82 -6.28
N MET B 355 -28.24 -19.29 -6.20
CA MET B 355 -27.60 -19.51 -4.92
C MET B 355 -26.53 -18.53 -4.46
N TRP B 356 -25.95 -17.77 -5.39
CA TRP B 356 -24.92 -16.79 -4.97
C TRP B 356 -25.48 -15.87 -3.89
N ILE B 357 -24.61 -15.02 -3.39
CA ILE B 357 -24.97 -14.00 -2.43
C ILE B 357 -24.69 -12.75 -3.23
N THR B 358 -25.70 -11.90 -3.35
CA THR B 358 -25.55 -10.67 -4.11
C THR B 358 -25.20 -9.47 -3.28
N LYS B 359 -24.52 -8.53 -3.93
CA LYS B 359 -24.12 -7.29 -3.30
C LYS B 359 -25.34 -6.72 -2.58
N GLN B 360 -26.46 -6.64 -3.29
CA GLN B 360 -27.67 -6.08 -2.70
C GLN B 360 -28.20 -6.88 -1.50
N GLU B 361 -28.03 -8.19 -1.52
CA GLU B 361 -28.50 -9.03 -0.42
C GLU B 361 -27.68 -8.78 0.83
N TYR B 362 -26.39 -8.59 0.62
CA TYR B 362 -25.44 -8.36 1.70
C TYR B 362 -25.70 -7.07 2.47
N ASP B 363 -26.39 -6.13 1.83
CA ASP B 363 -26.66 -4.83 2.43
C ASP B 363 -27.82 -4.69 3.42
N GLU B 364 -28.78 -5.59 3.39
CA GLU B 364 -29.88 -5.50 4.33
C GLU B 364 -29.69 -6.48 5.49
N ALA B 365 -28.91 -7.54 5.26
CA ALA B 365 -28.67 -8.58 6.27
C ALA B 365 -27.26 -8.61 6.89
N GLY B 366 -26.33 -7.88 6.28
CA GLY B 366 -24.96 -7.85 6.78
C GLY B 366 -24.20 -9.08 6.37
N PRO B 367 -23.01 -9.34 6.97
CA PRO B 367 -22.17 -10.49 6.64
C PRO B 367 -22.54 -11.76 7.39
N SER B 368 -23.35 -11.65 8.44
CA SER B 368 -23.74 -12.86 9.17
C SER B 368 -24.60 -13.71 8.23
N ILE B 369 -24.77 -13.22 7.01
CA ILE B 369 -25.55 -13.90 6.00
C ILE B 369 -24.88 -15.21 5.55
N VAL B 370 -23.57 -15.27 5.68
CA VAL B 370 -22.79 -16.43 5.28
C VAL B 370 -23.37 -17.76 5.78
N HIS B 371 -24.08 -17.70 6.90
CA HIS B 371 -24.65 -18.91 7.49
C HIS B 371 -26.05 -19.33 7.01
N ARG B 372 -26.68 -18.49 6.20
CA ARG B 372 -28.02 -18.77 5.67
C ARG B 372 -28.03 -19.08 4.16
N LYS B 373 -26.93 -18.75 3.48
CA LYS B 373 -26.87 -18.99 2.06
C LYS B 373 -25.97 -20.15 1.67
N CYS B 374 -24.74 -20.15 2.17
CA CYS B 374 -23.77 -21.21 1.86
C CYS B 374 -23.89 -22.40 2.82
N PHE B 375 -25.14 -22.82 3.04
CA PHE B 375 -25.56 -23.92 3.93
C PHE B 375 -24.76 -24.15 5.22
N GLY C 42 19.96 28.19 27.76
CA GLY C 42 21.05 28.36 26.74
C GLY C 42 20.56 28.43 25.30
N ARG C 43 19.34 28.93 25.11
CA ARG C 43 18.77 29.06 23.76
C ARG C 43 19.26 30.38 23.17
N ASP C 44 19.57 31.33 24.04
CA ASP C 44 20.05 32.63 23.59
C ASP C 44 21.24 32.52 22.64
N ALA C 45 22.08 31.53 22.85
CA ALA C 45 23.25 31.36 22.00
C ALA C 45 22.81 30.78 20.69
N LEU C 46 21.55 30.36 20.63
CA LEU C 46 21.03 29.78 19.41
C LEU C 46 20.75 30.91 18.44
N LEU C 47 20.45 32.08 18.98
CA LEU C 47 20.15 33.23 18.12
C LEU C 47 21.44 33.99 17.95
N ASP C 48 22.28 33.92 18.97
CA ASP C 48 23.56 34.59 18.91
C ASP C 48 24.08 34.06 17.57
N GLN C 49 23.85 32.77 17.31
CA GLN C 49 24.30 32.12 16.09
C GLN C 49 23.51 32.42 14.83
N ILE C 50 22.19 32.23 14.87
CA ILE C 50 21.35 32.49 13.69
C ILE C 50 21.68 33.87 13.15
N ARG C 51 22.07 34.76 14.06
CA ARG C 51 22.45 36.11 13.69
C ARG C 51 23.82 36.03 13.00
N GLN C 52 24.85 35.59 13.71
CA GLN C 52 26.20 35.47 13.14
C GLN C 52 26.24 34.78 11.78
N GLY C 53 25.50 33.67 11.64
CA GLY C 53 25.45 32.94 10.38
C GLY C 53 26.08 31.55 10.33
N ILE C 54 26.07 30.97 9.14
CA ILE C 54 26.63 29.64 8.85
C ILE C 54 27.09 29.62 7.38
N GLN C 55 27.71 28.54 6.93
CA GLN C 55 28.15 28.48 5.53
C GLN C 55 27.70 27.21 4.83
N LEU C 56 26.55 27.29 4.17
CA LEU C 56 25.92 26.17 3.45
C LEU C 56 26.64 25.73 2.20
N LYS C 57 26.90 24.43 2.10
CA LYS C 57 27.57 23.84 0.95
C LYS C 57 26.70 23.92 -0.29
N SER C 58 27.31 24.29 -1.40
CA SER C 58 26.61 24.44 -2.67
C SER C 58 26.32 23.09 -3.23
N VAL C 59 25.76 23.09 -4.44
CA VAL C 59 25.44 21.84 -5.09
C VAL C 59 25.34 22.00 -6.60
N ALA C 60 25.14 20.86 -7.27
CA ALA C 60 24.94 20.81 -8.71
C ALA C 60 26.09 21.32 -9.54
N ASP C 61 26.71 22.33 -9.13
N GLY D 42 -35.32 -26.20 -3.13
CA GLY D 42 -34.88 -26.05 -4.54
C GLY D 42 -33.37 -26.20 -4.72
N ARG D 43 -32.82 -27.26 -4.13
CA ARG D 43 -31.40 -27.54 -4.22
C ARG D 43 -31.12 -28.96 -4.72
N ASP D 44 -32.13 -29.83 -4.71
CA ASP D 44 -31.97 -31.22 -5.17
C ASP D 44 -31.61 -31.35 -6.66
N ALA D 45 -32.05 -30.40 -7.47
CA ALA D 45 -31.76 -30.42 -8.90
C ALA D 45 -30.33 -29.90 -9.08
N LEU D 46 -29.74 -29.46 -7.97
CA LEU D 46 -28.37 -28.95 -7.95
C LEU D 46 -27.39 -30.12 -7.96
N LEU D 47 -27.84 -31.28 -7.51
CA LEU D 47 -27.02 -32.48 -7.48
C LEU D 47 -27.51 -33.39 -8.60
N ASP D 48 -28.79 -33.22 -8.95
CA ASP D 48 -29.34 -33.99 -10.04
C ASP D 48 -28.27 -33.67 -11.10
N GLN D 49 -27.89 -32.38 -11.18
CA GLN D 49 -26.90 -31.82 -12.13
C GLN D 49 -25.42 -32.11 -11.89
N ILE D 50 -24.94 -31.93 -10.66
CA ILE D 50 -23.55 -32.20 -10.38
C ILE D 50 -23.29 -33.65 -10.74
N ARG D 51 -24.34 -34.45 -10.65
CA ARG D 51 -24.27 -35.85 -11.01
C ARG D 51 -24.19 -35.92 -12.53
N GLN D 52 -25.23 -35.43 -13.23
CA GLN D 52 -25.27 -35.44 -14.71
C GLN D 52 -23.98 -34.88 -15.31
N GLY D 53 -23.57 -33.70 -14.86
CA GLY D 53 -22.34 -33.13 -15.36
C GLY D 53 -22.44 -31.83 -16.15
N ILE D 54 -21.28 -31.40 -16.66
CA ILE D 54 -21.13 -30.16 -17.45
C ILE D 54 -19.93 -30.32 -18.42
N GLN D 55 -19.80 -29.42 -19.38
CA GLN D 55 -18.69 -29.52 -20.34
C GLN D 55 -17.75 -28.30 -20.33
N LEU D 56 -16.71 -28.38 -19.50
CA LEU D 56 -15.72 -27.30 -19.35
C LEU D 56 -14.84 -27.09 -20.58
N LYS D 57 -14.69 -25.82 -20.95
CA LYS D 57 -13.88 -25.48 -22.11
C LYS D 57 -12.40 -25.68 -21.80
N SER D 58 -11.64 -26.03 -22.83
CA SER D 58 -10.21 -26.23 -22.69
C SER D 58 -9.60 -24.83 -22.60
N VAL D 59 -8.31 -24.74 -22.29
CA VAL D 59 -7.66 -23.44 -22.16
C VAL D 59 -6.39 -23.30 -23.01
N ALA D 60 -5.95 -22.06 -23.20
CA ALA D 60 -4.78 -21.74 -24.02
C ALA D 60 -3.37 -22.12 -23.54
N ASP D 61 -3.18 -22.47 -22.35
PG ATP E . 1.87 27.10 1.27
O1G ATP E . 2.43 25.89 1.93
O2G ATP E . 0.41 27.15 1.16
O3G ATP E . 2.53 28.38 1.73
PB ATP E . 3.69 26.30 -0.91
O1B ATP E . 3.29 25.07 -1.67
O2B ATP E . 4.70 26.16 0.13
O3B ATP E . 2.30 26.89 -0.28
PA ATP E . 5.32 28.26 -2.44
O1A ATP E . 5.62 29.26 -1.41
O2A ATP E . 6.41 27.43 -2.99
O3A ATP E . 4.05 27.38 -1.98
O5' ATP E . 4.70 29.04 -3.61
C5' ATP E . 4.26 28.39 -4.81
C4' ATP E . 3.42 29.32 -5.59
O4' ATP E . 4.30 30.41 -6.00
C3' ATP E . 2.88 28.76 -6.84
O3' ATP E . 1.51 29.19 -7.02
C2' ATP E . 3.79 29.28 -7.87
O2' ATP E . 3.23 29.40 -9.17
C1' ATP E . 4.08 30.71 -7.35
N9 ATP E . 5.29 31.33 -7.95
C8 ATP E . 6.54 30.77 -8.15
N7 ATP E . 7.41 31.55 -8.72
C5 ATP E . 6.70 32.72 -8.91
C6 ATP E . 7.06 34.01 -9.48
N6 ATP E . 8.27 34.25 -9.98
N1 ATP E . 6.10 34.98 -9.51
C2 ATP E . 4.86 34.72 -9.00
N3 ATP E . 4.41 33.56 -8.45
C4 ATP E . 5.40 32.60 -8.41
CA CA F . 5.15 27.14 2.86
PG ATP G . -3.85 -26.64 1.58
O1G ATP G . -4.55 -25.37 1.26
O2G ATP G . -3.13 -26.67 2.87
O3G ATP G . -4.68 -27.87 1.23
PB ATP G . -2.51 -26.31 -0.99
O1B ATP G . -1.60 -25.12 -1.12
O2B ATP G . -3.90 -26.21 -1.50
O3B ATP G . -2.57 -26.66 0.60
PA ATP G . -1.83 -28.55 -2.88
O1A ATP G . -3.01 -29.42 -2.69
O2A ATP G . -1.65 -27.82 -4.18
O3A ATP G . -1.71 -27.55 -1.60
O5' ATP G . -0.59 -29.44 -2.64
C5' ATP G . 0.72 -28.92 -2.74
C4' ATP G . 1.66 -29.95 -2.25
O4' ATP G . 1.58 -31.06 -3.21
C3' ATP G . 3.09 -29.49 -2.27
O3' ATP G . 3.73 -29.86 -1.02
C2' ATP G . 3.65 -30.12 -3.52
O2' ATP G . 5.05 -30.34 -3.56
C1' ATP G . 2.93 -31.49 -3.52
N9 ATP G . 2.96 -32.23 -4.84
C8 ATP G . 2.74 -31.77 -6.13
N7 ATP G . 2.85 -32.68 -7.07
C5 ATP G . 3.16 -33.81 -6.36
C6 ATP G . 3.41 -35.17 -6.75
N6 ATP G . 3.37 -35.56 -8.02
N1 ATP G . 3.70 -36.07 -5.77
C2 ATP G . 3.74 -35.68 -4.49
N3 ATP G . 3.53 -34.44 -4.00
C4 ATP G . 3.23 -33.55 -5.00
CA CA H . -6.59 -26.60 -0.78
#